data_8Z4E
#
_entry.id   8Z4E
#
loop_
_entity.id
_entity.type
_entity.pdbx_description
1 polymer Neuraminidase
2 polymer 'Light chain of 18_14D scFv'
3 polymer 'Heavy chain of 18_14D scFv'
4 polymer 'Heavy chain of 1G01 scFv'
5 polymer 'Light chain of 1G01 scFv'
6 branched 2-acetamido-2-deoxy-beta-D-glucopyranose-(1-4)-2-acetamido-2-deoxy-beta-D-glucopyranose
7 non-polymer 'CALCIUM ION'
#
loop_
_entity_poly.entity_id
_entity_poly.type
_entity_poly.pdbx_seq_one_letter_code
_entity_poly.pdbx_strand_id
1 'polypeptide(L)'
;RTFLNLTKPLCEVNSWHILSKDNAIRIGEDAHILVTREPYLSCDPQGCRMFALSQGTTLRGRHANGTIHDKSPFRALISW
EMGQAPSPYNTRVECIGWSSTSCHDGISRMSICISGPNNNASAVVWYRGRPVTEIPSWVGNILRTQESECVCHKGICPVV
MTDGPANNKAATKIIYFKEGKIQKIEELQGNAQHIEECSCYGAAGMIKCVCRDNWKGANRPIITIDPEMMTHTSKYLCSK
ILTDTSRPNDPTNGNCDEPITGGSPDPGVKGFAFLDGENSWLGRTISKDSRSGYEMLKVPNAETDTQSGPTSYQLIVNNQ
NWSGYSGAFIDYWANKECFNPCFYVELIRGRPKEIDVLWASNSMVALCGSRERLGSWSW
;
A
2 'polypeptide(L)'
;QSVLTQPASVSGSPGQSITISCTGTSSDVGGYNYVSWYQQHPGKAPKLMIYDVSKRPSGVSNRFSGSKSGNTASLTISGL
QAEDEADYYCSSYTSSSTWVFGGGTKLTVLGQPKAAPSVTLFPPSSEELQANKATLVCLISDFYPGAVTVAWKADSSPVK
AGVETTTPSKQSNNKYAASSYLSLTPEQWKSHRSYSCQVTHEGSTVEKTVAPTECS
;
B
3 'polypeptide(L)'
;QVQLVQSGAEVKKPGSSVKVSCKASGGTFSSYAISWVRQAPGQGLEWMGGIIPIFGTANYAQKFQGRVTITADESTSTAY
MELSSLRSEDTAVYYCARGQLRYFDWPTIPSSYYGMDVWGQGTTVTVSSASTKGPSVFPLAPSSKSTSGGTAALGCLVKD
YFPEPVTVSWNSGALTSGVHTFPAVLQSSGLYSLSSVVTVPSSSLGTQTYICNVNHKPSNTKVDKRVEPKSCDKTH
;
C
4 'polypeptide(L)'
;EVQLVESGGRALRPGGSLRLSCAASGFKFDDYAMSWVRQVPGKGLEFVSGLNWNGDITAYTDSVKGRFTVSRDNAKNSLY
LHINSPKPEDTALYYCARTSSWGDYTRGPEPKITWYFDLWGRGTLVTVSSASTKGPSVFPLAPSSKSTSGGTAALGCLVK
DYFPEPVTVSWNSGALTSGVHTFPAVLQSSGLYSLSSVVTVPSSSLGTQTYICNVNHKPSNTKVDKRVEPKS
;
E
5 'polypeptide(L)'
;DDIQLTQSPSFLSASVGDRITITCRASQGIDGYLAWYQQRPGKAPNLLIYAASLLQSGVPSRFSGSGYGTEFTLTISSLQ
PEDFATYYCQHLDSYPLFTFGPGTKVDIKRTVAAPSVFIFPPSDEQLKSGTASVVCLLNNFYPREAKVQWKVDNALQSGN
SQESVTEQDSKDSTYSLSSTLTLSKADYEKHKVYACEVTHQGLSSPVTKSFNRGEC
;
F
#
# COMPACT_ATOMS: atom_id res chain seq x y z
N ARG A 1 -7.25 -17.43 35.36
CA ARG A 1 -7.46 -17.32 36.80
C ARG A 1 -8.39 -16.14 37.13
N THR A 2 -7.95 -14.94 36.78
CA THR A 2 -8.71 -13.72 37.04
C THR A 2 -8.79 -12.89 35.76
N PHE A 3 -9.94 -12.25 35.57
CA PHE A 3 -10.16 -11.43 34.38
C PHE A 3 -9.15 -10.28 34.34
N LEU A 4 -8.66 -9.99 33.14
CA LEU A 4 -7.64 -8.97 32.95
C LEU A 4 -8.23 -7.59 33.16
N ASN A 5 -7.45 -6.72 33.82
CA ASN A 5 -7.86 -5.35 34.10
C ASN A 5 -6.79 -4.42 33.52
N LEU A 6 -7.20 -3.55 32.61
CA LEU A 6 -6.30 -2.58 32.01
C LEU A 6 -6.00 -1.43 32.96
N THR A 7 -5.04 -1.61 33.85
CA THR A 7 -4.64 -0.57 34.79
C THR A 7 -3.22 -0.09 34.62
N LYS A 8 -2.29 -0.96 34.22
CA LYS A 8 -0.91 -0.56 34.04
C LYS A 8 -0.78 0.35 32.82
N PRO A 9 0.02 1.40 32.90
CA PRO A 9 0.12 2.34 31.77
C PRO A 9 1.09 1.86 30.68
N LEU A 10 1.31 2.70 29.68
CA LEU A 10 2.17 2.39 28.54
C LEU A 10 3.36 3.34 28.60
N CYS A 11 4.46 2.87 29.20
CA CYS A 11 5.63 3.71 29.36
C CYS A 11 6.43 3.78 28.05
N GLU A 12 7.41 4.67 28.02
CA GLU A 12 8.12 5.00 26.80
C GLU A 12 8.99 3.83 26.33
N VAL A 13 9.02 3.64 25.01
CA VAL A 13 9.92 2.71 24.35
C VAL A 13 10.75 3.50 23.34
N ASN A 14 12.04 3.15 23.24
CA ASN A 14 12.98 3.93 22.44
C ASN A 14 13.44 3.22 21.18
N SER A 15 14.00 2.02 21.31
CA SER A 15 14.52 1.28 20.17
C SER A 15 13.92 -0.12 20.16
N TRP A 16 13.58 -0.59 18.97
CA TRP A 16 12.97 -1.90 18.81
C TRP A 16 14.05 -2.98 18.80
N HIS A 17 13.65 -4.21 19.13
CA HIS A 17 14.58 -5.30 19.34
C HIS A 17 14.08 -6.55 18.64
N ILE A 18 15.00 -7.45 18.31
CA ILE A 18 14.65 -8.70 17.64
C ILE A 18 13.98 -9.63 18.63
N LEU A 19 12.80 -10.10 18.28
CA LEU A 19 12.12 -11.14 19.05
C LEU A 19 11.94 -12.38 18.19
N SER A 20 11.82 -12.18 16.88
CA SER A 20 11.69 -13.28 15.93
C SER A 20 13.01 -13.51 15.19
N ALA A 31 5.40 -32.68 9.50
CA ALA A 31 6.79 -32.34 9.84
C ALA A 31 7.31 -31.23 8.93
N HIS A 32 6.40 -30.40 8.44
CA HIS A 32 6.76 -29.29 7.56
C HIS A 32 5.72 -28.18 7.76
N ILE A 33 5.97 -27.03 7.15
CA ILE A 33 5.10 -25.88 7.28
C ILE A 33 3.98 -25.99 6.25
N LEU A 34 2.86 -25.34 6.56
CA LEU A 34 1.71 -25.30 5.68
C LEU A 34 1.68 -23.96 4.95
N VAL A 35 0.66 -23.77 4.10
CA VAL A 35 0.49 -22.51 3.40
C VAL A 35 -0.17 -21.52 4.36
N THR A 36 0.65 -20.78 5.10
CA THR A 36 0.18 -19.86 6.12
C THR A 36 0.14 -18.45 5.56
N ARG A 37 -1.03 -17.83 5.62
CA ARG A 37 -1.21 -16.47 5.13
C ARG A 37 -2.02 -15.70 6.16
N GLU A 38 -1.86 -14.38 6.14
CA GLU A 38 -2.48 -13.48 7.11
C GLU A 38 -2.17 -13.88 8.57
N PRO A 39 -0.89 -13.97 8.95
CA PRO A 39 -0.57 -14.36 10.32
C PRO A 39 -0.45 -13.17 11.26
N TYR A 40 -1.06 -13.26 12.43
CA TYR A 40 -0.92 -12.26 13.48
C TYR A 40 -0.47 -12.92 14.78
N LEU A 41 -0.40 -12.14 15.84
CA LEU A 41 0.09 -12.60 17.13
C LEU A 41 -0.92 -12.27 18.22
N SER A 42 -1.09 -13.19 19.17
CA SER A 42 -2.01 -13.00 20.29
C SER A 42 -1.34 -13.42 21.58
N CYS A 43 -1.57 -12.64 22.63
CA CYS A 43 -0.97 -12.87 23.94
C CYS A 43 -1.92 -13.69 24.80
N ASP A 44 -1.33 -14.33 25.82
CA ASP A 44 -2.07 -15.11 26.80
C ASP A 44 -1.21 -15.24 28.04
N PRO A 45 -1.77 -15.71 29.16
CA PRO A 45 -0.94 -15.87 30.37
C PRO A 45 0.27 -16.76 30.17
N GLN A 46 0.21 -17.72 29.25
CA GLN A 46 1.35 -18.59 28.99
C GLN A 46 2.45 -17.91 28.18
N GLY A 47 2.16 -16.79 27.54
CA GLY A 47 3.14 -16.08 26.75
C GLY A 47 2.50 -15.43 25.54
N CYS A 48 3.04 -15.76 24.36
CA CYS A 48 2.53 -15.24 23.10
C CYS A 48 2.52 -16.34 22.05
N ARG A 49 1.47 -16.37 21.23
CA ARG A 49 1.31 -17.35 20.18
C ARG A 49 1.06 -16.65 18.86
N MET A 50 1.30 -17.39 17.77
CA MET A 50 1.14 -16.89 16.41
C MET A 50 0.00 -17.63 15.73
N PHE A 51 -0.94 -16.88 15.17
CA PHE A 51 -2.10 -17.42 14.49
C PHE A 51 -1.99 -17.18 12.99
N ALA A 52 -2.41 -18.16 12.20
CA ALA A 52 -2.40 -17.99 10.76
C ALA A 52 -3.49 -18.82 10.12
N LEU A 53 -3.92 -18.39 8.93
CA LEU A 53 -4.92 -19.09 8.14
C LEU A 53 -4.23 -20.06 7.19
N SER A 54 -4.68 -21.31 7.20
CA SER A 54 -4.09 -22.37 6.39
C SER A 54 -5.17 -23.02 5.54
N GLN A 55 -4.75 -23.52 4.38
CA GLN A 55 -5.63 -24.19 3.44
C GLN A 55 -5.72 -25.70 3.67
N GLY A 56 -5.07 -26.20 4.71
CA GLY A 56 -5.11 -27.63 5.00
C GLY A 56 -3.99 -28.41 4.33
N PRO A 73 -11.31 -24.00 0.49
CA PRO A 73 -12.62 -24.58 0.81
C PRO A 73 -12.75 -24.93 2.29
N PHE A 74 -11.64 -25.27 2.93
CA PHE A 74 -11.62 -25.62 4.35
C PHE A 74 -10.50 -24.87 5.05
N ARG A 75 -10.43 -23.56 4.81
CA ARG A 75 -9.45 -22.71 5.49
C ARG A 75 -9.69 -22.73 6.99
N ALA A 76 -8.61 -22.80 7.76
CA ALA A 76 -8.71 -22.90 9.21
C ALA A 76 -7.58 -22.13 9.88
N LEU A 77 -7.86 -21.62 11.08
CA LEU A 77 -6.83 -20.98 11.89
C LEU A 77 -6.00 -22.03 12.62
N ILE A 78 -4.69 -21.80 12.64
CA ILE A 78 -3.76 -22.62 13.40
C ILE A 78 -2.88 -21.68 14.21
N SER A 79 -2.73 -21.97 15.49
CA SER A 79 -1.93 -21.17 16.42
C SER A 79 -0.79 -22.03 16.96
N TRP A 80 0.40 -21.47 16.97
CA TRP A 80 1.60 -22.17 17.41
C TRP A 80 2.44 -21.28 18.32
N GLU A 81 3.32 -21.92 19.08
CA GLU A 81 4.17 -21.20 20.02
C GLU A 81 5.20 -20.36 19.27
N MET A 82 5.72 -19.35 19.96
CA MET A 82 6.73 -18.49 19.38
C MET A 82 7.99 -19.28 19.04
N GLY A 83 8.52 -19.03 17.85
CA GLY A 83 9.76 -19.66 17.42
C GLY A 83 9.58 -21.00 16.74
N GLN A 84 8.79 -21.89 17.35
CA GLN A 84 8.61 -23.23 16.80
C GLN A 84 7.93 -23.19 15.44
N ALA A 85 8.39 -24.04 14.53
CA ALA A 85 7.79 -24.14 13.21
C ALA A 85 6.41 -24.78 13.30
N PRO A 86 5.50 -24.44 12.38
CA PRO A 86 4.17 -25.05 12.42
C PRO A 86 4.18 -26.50 12.00
N SER A 87 4.00 -27.40 12.96
CA SER A 87 3.99 -28.83 12.72
C SER A 87 2.78 -29.46 13.40
N PRO A 88 2.23 -30.54 12.85
CA PRO A 88 1.03 -31.14 13.44
C PRO A 88 1.33 -31.90 14.73
N TYR A 89 2.04 -31.27 15.67
CA TYR A 89 2.21 -31.84 17.00
C TYR A 89 2.03 -30.84 18.14
N ASN A 90 2.22 -29.54 17.91
CA ASN A 90 2.06 -28.53 18.94
C ASN A 90 1.07 -27.44 18.55
N THR A 91 0.16 -27.73 17.61
CA THR A 91 -0.76 -26.74 17.09
C THR A 91 -2.20 -27.08 17.52
N ARG A 92 -3.05 -26.06 17.48
CA ARG A 92 -4.46 -26.21 17.82
C ARG A 92 -5.29 -25.31 16.93
N VAL A 93 -6.42 -25.82 16.45
CA VAL A 93 -7.32 -25.07 15.59
C VAL A 93 -8.34 -24.35 16.47
N GLU A 94 -8.64 -23.10 16.10
CA GLU A 94 -9.59 -22.30 16.87
C GLU A 94 -10.99 -22.31 16.25
N CYS A 95 -11.11 -21.88 15.01
CA CYS A 95 -12.38 -21.92 14.30
C CYS A 95 -12.12 -21.89 12.80
N ILE A 96 -13.16 -22.18 12.03
CA ILE A 96 -13.07 -22.40 10.59
C ILE A 96 -13.56 -21.16 9.88
N GLY A 97 -12.78 -20.68 8.92
CA GLY A 97 -13.19 -19.54 8.13
C GLY A 97 -11.99 -18.95 7.40
N TRP A 98 -12.24 -17.81 6.75
CA TRP A 98 -11.22 -17.09 6.02
C TRP A 98 -10.90 -15.72 6.57
N SER A 99 -11.80 -15.12 7.36
CA SER A 99 -11.50 -13.92 8.13
C SER A 99 -11.77 -14.22 9.59
N SER A 100 -10.96 -13.65 10.47
CA SER A 100 -11.00 -14.09 11.85
C SER A 100 -10.31 -13.08 12.77
N THR A 101 -10.51 -13.28 14.06
CA THR A 101 -9.83 -12.55 15.12
C THR A 101 -9.86 -13.41 16.38
N SER A 102 -8.99 -13.10 17.34
CA SER A 102 -8.95 -13.88 18.57
C SER A 102 -8.15 -13.13 19.62
N CYS A 103 -8.53 -13.33 20.88
CA CYS A 103 -7.75 -12.83 22.00
C CYS A 103 -8.16 -13.56 23.27
N HIS A 104 -7.70 -13.04 24.41
CA HIS A 104 -7.88 -13.69 25.70
C HIS A 104 -8.37 -12.66 26.72
N ASP A 105 -9.08 -13.15 27.74
CA ASP A 105 -9.63 -12.30 28.78
C ASP A 105 -9.08 -12.61 30.17
N GLY A 106 -8.07 -13.48 30.26
CA GLY A 106 -7.48 -13.87 31.53
C GLY A 106 -7.92 -15.22 32.03
N ILE A 107 -9.11 -15.68 31.64
CA ILE A 107 -9.62 -16.99 32.02
C ILE A 107 -9.84 -17.88 30.81
N SER A 108 -10.33 -17.30 29.71
CA SER A 108 -10.67 -18.06 28.52
C SER A 108 -10.27 -17.29 27.28
N ARG A 109 -10.19 -18.00 26.16
CA ARG A 109 -9.82 -17.43 24.88
C ARG A 109 -11.06 -17.31 24.00
N MET A 110 -11.28 -16.12 23.46
CA MET A 110 -12.41 -15.85 22.57
C MET A 110 -11.92 -15.74 21.15
N SER A 111 -12.50 -16.53 20.25
CA SER A 111 -12.15 -16.53 18.84
C SER A 111 -13.40 -16.27 18.00
N ILE A 112 -13.21 -15.60 16.87
CA ILE A 112 -14.28 -15.30 15.93
C ILE A 112 -13.80 -15.62 14.53
N CYS A 113 -14.59 -16.39 13.78
CA CYS A 113 -14.31 -16.69 12.39
C CYS A 113 -15.53 -16.38 11.54
N ILE A 114 -15.30 -16.19 10.24
CA ILE A 114 -16.38 -15.95 9.28
C ILE A 114 -16.33 -17.04 8.23
N SER A 115 -17.46 -17.75 8.05
CA SER A 115 -17.56 -18.83 7.09
C SER A 115 -18.86 -18.69 6.30
N GLY A 116 -18.91 -19.37 5.16
CA GLY A 116 -20.08 -19.36 4.32
C GLY A 116 -19.81 -18.66 2.99
N PRO A 117 -20.82 -18.66 2.12
CA PRO A 117 -20.67 -17.97 0.83
C PRO A 117 -20.52 -16.47 1.03
N ASN A 118 -20.05 -15.81 -0.03
CA ASN A 118 -19.76 -14.38 0.04
C ASN A 118 -21.02 -13.57 0.34
N ASN A 119 -22.13 -13.91 -0.29
CA ASN A 119 -23.36 -13.17 -0.09
C ASN A 119 -24.13 -13.61 1.15
N ASN A 120 -23.72 -14.69 1.81
CA ASN A 120 -24.43 -15.21 2.98
C ASN A 120 -23.43 -15.58 4.07
N ALA A 121 -22.50 -14.69 4.34
CA ALA A 121 -21.46 -14.95 5.33
C ALA A 121 -22.03 -14.92 6.74
N SER A 122 -21.52 -15.82 7.58
CA SER A 122 -21.92 -15.90 8.98
C SER A 122 -20.69 -16.02 9.87
N ALA A 123 -20.74 -15.36 11.02
CA ALA A 123 -19.62 -15.36 11.96
C ALA A 123 -19.92 -16.30 13.11
N VAL A 124 -18.99 -17.22 13.37
CA VAL A 124 -19.09 -18.17 14.47
C VAL A 124 -18.07 -17.79 15.53
N VAL A 125 -18.51 -17.79 16.79
CA VAL A 125 -17.68 -17.41 17.92
C VAL A 125 -17.43 -18.63 18.77
N TRP A 126 -16.17 -18.86 19.12
CA TRP A 126 -15.76 -19.97 19.97
C TRP A 126 -15.19 -19.46 21.29
N TYR A 127 -15.57 -20.15 22.37
CA TYR A 127 -15.18 -19.76 23.72
C TYR A 127 -14.81 -21.05 24.46
N ARG A 128 -13.53 -21.16 24.85
CA ARG A 128 -12.97 -22.39 25.42
C ARG A 128 -13.16 -23.58 24.49
N GLY A 129 -12.97 -23.35 23.20
CA GLY A 129 -12.89 -24.43 22.23
C GLY A 129 -14.21 -24.99 21.74
N ARG A 130 -15.35 -24.35 22.06
CA ARG A 130 -16.61 -24.79 21.50
C ARG A 130 -17.39 -23.58 21.01
N PRO A 131 -18.21 -23.75 19.95
CA PRO A 131 -18.97 -22.61 19.44
C PRO A 131 -20.04 -22.16 20.43
N VAL A 132 -20.21 -20.84 20.53
CA VAL A 132 -21.16 -20.26 21.48
C VAL A 132 -22.13 -19.27 20.85
N THR A 133 -21.81 -18.66 19.71
CA THR A 133 -22.68 -17.64 19.13
C THR A 133 -22.50 -17.62 17.61
N GLU A 134 -23.59 -17.33 16.91
CA GLU A 134 -23.57 -17.13 15.46
C GLU A 134 -24.19 -15.77 15.15
N ILE A 135 -23.51 -14.99 14.33
CA ILE A 135 -23.93 -13.65 13.95
C ILE A 135 -24.13 -13.64 12.43
N PRO A 136 -25.31 -13.32 11.92
CA PRO A 136 -25.51 -13.25 10.48
C PRO A 136 -25.13 -11.89 9.91
N SER A 137 -24.97 -11.86 8.60
CA SER A 137 -24.63 -10.62 7.91
C SER A 137 -25.84 -9.71 7.81
N TRP A 138 -25.58 -8.43 7.53
CA TRP A 138 -26.63 -7.44 7.45
C TRP A 138 -26.64 -6.64 6.14
N VAL A 139 -25.62 -6.82 5.30
CA VAL A 139 -25.61 -6.21 3.97
C VAL A 139 -25.41 -7.33 2.95
N GLY A 140 -24.76 -8.40 3.37
CA GLY A 140 -24.57 -9.55 2.50
C GLY A 140 -23.50 -9.38 1.44
N ASN A 141 -22.47 -8.58 1.70
CA ASN A 141 -21.37 -8.38 0.76
C ASN A 141 -20.06 -8.59 1.51
N ILE A 142 -19.65 -9.85 1.65
CA ILE A 142 -18.38 -10.24 2.27
C ILE A 142 -18.23 -9.61 3.66
N LEU A 143 -18.68 -10.33 4.68
CA LEU A 143 -18.47 -9.90 6.06
C LEU A 143 -17.01 -10.13 6.45
N ARG A 144 -16.40 -9.15 7.10
CA ARG A 144 -14.99 -9.20 7.45
C ARG A 144 -14.79 -8.68 8.87
N THR A 145 -13.68 -9.12 9.47
CA THR A 145 -13.29 -8.71 10.81
C THR A 145 -11.95 -7.98 10.76
N GLN A 146 -11.39 -7.72 11.96
CA GLN A 146 -10.19 -6.90 12.05
C GLN A 146 -8.94 -7.65 11.60
N GLU A 147 -8.99 -8.98 11.57
CA GLU A 147 -7.85 -9.79 11.14
C GLU A 147 -6.60 -9.48 11.98
N SER A 148 -6.80 -9.24 13.26
CA SER A 148 -5.73 -8.98 14.20
C SER A 148 -6.18 -9.48 15.57
N GLU A 149 -5.46 -9.06 16.61
CA GLU A 149 -5.90 -9.43 17.94
C GLU A 149 -6.98 -8.46 18.43
N CYS A 150 -7.75 -8.93 19.40
CA CYS A 150 -8.73 -8.11 20.11
C CYS A 150 -8.25 -7.86 21.54
N VAL A 151 -9.01 -7.03 22.27
CA VAL A 151 -8.65 -6.61 23.62
C VAL A 151 -9.81 -6.92 24.54
N CYS A 152 -9.51 -7.51 25.69
CA CYS A 152 -10.52 -7.88 26.67
C CYS A 152 -10.27 -7.15 27.97
N HIS A 153 -11.32 -6.52 28.50
CA HIS A 153 -11.25 -5.75 29.73
C HIS A 153 -12.43 -6.17 30.61
N LYS A 154 -12.13 -6.84 31.72
CA LYS A 154 -13.13 -7.34 32.66
C LYS A 154 -14.20 -8.17 31.97
N GLY A 155 -13.82 -8.94 30.96
CA GLY A 155 -14.73 -9.78 30.22
C GLY A 155 -15.28 -9.16 28.96
N ILE A 156 -15.23 -7.84 28.81
CA ILE A 156 -15.76 -7.14 27.65
C ILE A 156 -14.69 -7.13 26.56
N CYS A 157 -14.99 -7.74 25.42
CA CYS A 157 -14.02 -7.88 24.33
C CYS A 157 -14.59 -7.28 23.06
N PRO A 158 -14.35 -6.00 22.77
CA PRO A 158 -14.89 -5.40 21.55
C PRO A 158 -14.31 -6.02 20.29
N VAL A 159 -15.15 -6.12 19.27
CA VAL A 159 -14.75 -6.60 17.95
C VAL A 159 -15.42 -5.71 16.90
N VAL A 160 -14.64 -5.21 15.95
CA VAL A 160 -15.13 -4.32 14.91
C VAL A 160 -15.34 -5.14 13.65
N MET A 161 -16.56 -5.14 13.11
CA MET A 161 -16.88 -5.82 11.86
C MET A 161 -17.41 -4.84 10.84
N THR A 162 -17.24 -5.18 9.57
CA THR A 162 -17.67 -4.32 8.48
C THR A 162 -18.32 -5.18 7.40
N ASP A 163 -19.32 -4.62 6.72
CA ASP A 163 -20.00 -5.31 5.64
C ASP A 163 -20.38 -4.29 4.58
N GLY A 164 -20.18 -4.66 3.32
CA GLY A 164 -20.52 -3.80 2.21
C GLY A 164 -19.37 -3.62 1.24
N PRO A 165 -19.47 -2.59 0.39
CA PRO A 165 -18.39 -2.34 -0.57
C PRO A 165 -17.07 -2.04 0.11
N ALA A 166 -15.99 -2.50 -0.50
CA ALA A 166 -14.65 -2.22 -0.02
C ALA A 166 -14.03 -0.97 -0.65
N ASN A 167 -14.74 -0.32 -1.58
CA ASN A 167 -14.28 0.91 -2.20
C ASN A 167 -15.37 1.97 -2.19
N ASN A 168 -16.24 1.93 -1.20
CA ASN A 168 -17.35 2.88 -1.07
C ASN A 168 -17.83 2.83 0.38
N LYS A 169 -18.98 3.45 0.64
CA LYS A 169 -19.55 3.44 1.98
C LYS A 169 -19.96 2.03 2.36
N ALA A 170 -19.59 1.62 3.57
CA ALA A 170 -19.92 0.30 4.10
C ALA A 170 -20.38 0.43 5.54
N ALA A 171 -21.18 -0.53 5.99
CA ALA A 171 -21.74 -0.49 7.34
C ALA A 171 -20.76 -1.15 8.30
N THR A 172 -20.31 -0.38 9.29
CA THR A 172 -19.37 -0.85 10.29
C THR A 172 -20.05 -0.89 11.65
N LYS A 173 -19.97 -2.04 12.31
CA LYS A 173 -20.59 -2.24 13.61
C LYS A 173 -19.53 -2.69 14.61
N ILE A 174 -19.81 -2.44 15.89
CA ILE A 174 -18.93 -2.88 16.97
C ILE A 174 -19.74 -3.78 17.89
N ILE A 175 -19.20 -4.96 18.17
CA ILE A 175 -19.88 -6.03 18.88
C ILE A 175 -19.07 -6.33 20.14
N TYR A 176 -19.72 -6.28 21.30
CA TYR A 176 -19.05 -6.49 22.57
C TYR A 176 -19.41 -7.86 23.13
N PHE A 177 -18.38 -8.67 23.38
CA PHE A 177 -18.57 -10.04 23.84
C PHE A 177 -18.17 -10.18 25.30
N LYS A 178 -18.80 -11.13 25.98
CA LYS A 178 -18.44 -11.47 27.35
C LYS A 178 -18.86 -12.91 27.60
N GLU A 179 -17.89 -13.76 27.96
CA GLU A 179 -18.13 -15.18 28.19
C GLU A 179 -18.75 -15.86 26.97
N GLY A 180 -18.37 -15.41 25.78
CA GLY A 180 -18.91 -15.95 24.55
C GLY A 180 -20.33 -15.55 24.25
N LYS A 181 -20.82 -14.44 24.79
CA LYS A 181 -22.19 -14.01 24.61
C LYS A 181 -22.24 -12.52 24.30
N ILE A 182 -23.31 -12.09 23.65
CA ILE A 182 -23.44 -10.69 23.23
C ILE A 182 -24.02 -9.84 24.35
N GLN A 183 -23.48 -8.64 24.51
CA GLN A 183 -24.04 -7.64 25.41
C GLN A 183 -24.45 -6.36 24.70
N LYS A 184 -23.80 -6.00 23.60
CA LYS A 184 -24.18 -4.80 22.86
C LYS A 184 -23.58 -4.84 21.46
N ILE A 185 -24.43 -4.54 20.47
CA ILE A 185 -23.99 -4.28 19.10
C ILE A 185 -24.40 -2.85 18.79
N GLU A 186 -23.43 -2.02 18.42
CA GLU A 186 -23.71 -0.61 18.18
C GLU A 186 -23.06 -0.15 16.89
N GLU A 187 -23.76 0.71 16.16
CA GLU A 187 -23.30 1.21 14.87
C GLU A 187 -22.13 2.17 15.06
N LEU A 188 -21.31 2.31 14.01
CA LEU A 188 -20.14 3.16 14.08
C LEU A 188 -20.53 4.62 14.19
N GLN A 189 -19.82 5.35 15.04
CA GLN A 189 -20.00 6.79 15.22
C GLN A 189 -18.76 7.53 14.74
N GLY A 190 -18.72 8.83 14.98
CA GLY A 190 -17.55 9.63 14.69
C GLY A 190 -17.47 10.04 13.22
N ASN A 191 -16.25 10.42 12.84
CA ASN A 191 -15.97 10.95 11.51
C ASN A 191 -15.33 9.93 10.57
N ALA A 192 -15.23 8.66 10.99
CA ALA A 192 -14.65 7.64 10.14
C ALA A 192 -15.58 7.31 8.98
N GLN A 193 -14.99 7.10 7.80
CA GLN A 193 -15.78 6.81 6.61
C GLN A 193 -15.66 5.36 6.14
N HIS A 194 -14.51 4.72 6.34
CA HIS A 194 -14.33 3.34 5.92
C HIS A 194 -13.38 2.66 6.91
N ILE A 195 -13.78 1.48 7.38
CA ILE A 195 -13.11 0.79 8.48
C ILE A 195 -12.97 -0.68 8.12
N GLU A 196 -11.73 -1.13 7.93
CA GLU A 196 -11.47 -2.54 7.63
C GLU A 196 -10.16 -2.96 8.28
N GLU A 197 -10.11 -4.20 8.78
CA GLU A 197 -8.86 -4.87 9.17
C GLU A 197 -8.11 -4.07 10.23
N CYS A 198 -8.71 -3.97 11.42
CA CYS A 198 -8.18 -3.04 12.40
C CYS A 198 -7.29 -3.73 13.43
N SER A 199 -6.41 -2.93 14.04
CA SER A 199 -5.51 -3.40 15.08
C SER A 199 -5.77 -2.59 16.34
N CYS A 200 -6.04 -3.26 17.44
CA CYS A 200 -6.45 -2.61 18.68
C CYS A 200 -5.44 -2.90 19.79
N TYR A 201 -5.16 -1.87 20.59
CA TYR A 201 -4.31 -2.02 21.76
C TYR A 201 -4.97 -1.31 22.95
N GLY A 202 -4.85 -1.92 24.12
CA GLY A 202 -5.46 -1.40 25.33
C GLY A 202 -4.45 -0.72 26.24
N ALA A 203 -4.88 0.37 26.86
CA ALA A 203 -4.03 1.12 27.78
C ALA A 203 -4.92 1.95 28.70
N ALA A 204 -4.64 1.89 30.00
CA ALA A 204 -5.32 2.69 31.02
C ALA A 204 -6.83 2.48 31.01
N GLY A 205 -7.29 1.31 30.59
CA GLY A 205 -8.71 1.02 30.54
C GLY A 205 -9.41 1.40 29.24
N MET A 206 -8.72 2.08 28.33
CA MET A 206 -9.30 2.48 27.06
C MET A 206 -8.59 1.75 25.92
N ILE A 207 -9.36 1.33 24.92
CA ILE A 207 -8.81 0.61 23.77
C ILE A 207 -8.75 1.57 22.58
N LYS A 208 -7.63 1.56 21.88
CA LYS A 208 -7.49 2.37 20.66
C LYS A 208 -7.24 1.43 19.48
N CYS A 209 -8.01 1.62 18.43
CA CYS A 209 -7.95 0.78 17.23
C CYS A 209 -7.58 1.65 16.03
N VAL A 210 -6.56 1.23 15.30
CA VAL A 210 -6.07 1.94 14.12
C VAL A 210 -6.07 0.96 12.95
N CYS A 211 -6.52 1.45 11.79
CA CYS A 211 -6.67 0.62 10.61
C CYS A 211 -6.86 1.43 9.33
N ARG A 212 -7.31 0.74 8.28
CA ARG A 212 -7.20 1.16 6.90
C ARG A 212 -8.48 1.81 6.40
N ASP A 213 -8.32 2.94 5.71
CA ASP A 213 -9.40 3.57 4.95
C ASP A 213 -9.22 3.16 3.49
N ASN A 214 -9.92 2.11 3.08
CA ASN A 214 -9.72 1.48 1.79
C ASN A 214 -10.40 2.25 0.66
N TRP A 215 -11.30 3.18 0.97
CA TRP A 215 -12.11 3.85 -0.04
C TRP A 215 -11.54 5.21 -0.43
N LYS A 216 -11.45 6.14 0.52
CA LYS A 216 -11.08 7.51 0.19
C LYS A 216 -9.79 7.95 0.86
N GLY A 217 -9.68 7.82 2.18
CA GLY A 217 -8.59 8.44 2.89
C GLY A 217 -7.27 7.72 2.73
N ALA A 218 -6.19 8.50 2.84
CA ALA A 218 -4.84 7.95 2.92
C ALA A 218 -4.27 8.02 4.33
N ASN A 219 -5.02 8.56 5.28
CA ASN A 219 -4.59 8.64 6.68
C ASN A 219 -5.48 7.72 7.51
N ARG A 220 -4.86 6.98 8.42
CA ARG A 220 -5.56 5.95 9.17
C ARG A 220 -6.53 6.56 10.18
N PRO A 221 -7.74 6.04 10.27
CA PRO A 221 -8.64 6.44 11.36
C PRO A 221 -8.26 5.77 12.67
N ILE A 222 -8.77 6.33 13.76
CA ILE A 222 -8.57 5.81 15.10
C ILE A 222 -9.90 5.78 15.82
N ILE A 223 -10.17 4.68 16.52
CA ILE A 223 -11.40 4.46 17.26
C ILE A 223 -11.05 4.27 18.73
N THR A 224 -11.67 5.06 19.59
CA THR A 224 -11.50 4.96 21.03
C THR A 224 -12.70 4.23 21.61
N ILE A 225 -12.44 3.13 22.32
CA ILE A 225 -13.46 2.28 22.90
C ILE A 225 -13.31 2.31 24.41
N ASP A 226 -14.40 2.60 25.11
CA ASP A 226 -14.46 2.61 26.57
C ASP A 226 -15.43 1.52 27.02
N PRO A 227 -14.94 0.38 27.50
CA PRO A 227 -15.83 -0.67 28.00
C PRO A 227 -16.38 -0.40 29.39
N GLU A 228 -15.97 0.69 30.05
CA GLU A 228 -16.62 1.09 31.29
C GLU A 228 -18.00 1.65 31.02
N MET A 229 -18.07 2.71 30.22
CA MET A 229 -19.35 3.25 29.79
C MET A 229 -19.92 2.53 28.59
N MET A 230 -19.19 1.55 28.04
CA MET A 230 -19.66 0.72 26.93
C MET A 230 -20.01 1.58 25.72
N THR A 231 -19.00 2.29 25.20
CA THR A 231 -19.22 3.23 24.12
C THR A 231 -17.95 3.34 23.28
N HIS A 232 -18.05 3.96 22.12
CA HIS A 232 -16.88 4.26 21.30
C HIS A 232 -17.07 5.58 20.57
N THR A 233 -15.96 6.08 20.03
CA THR A 233 -15.93 7.29 19.21
C THR A 233 -14.86 7.10 18.15
N SER A 234 -15.04 7.74 17.00
CA SER A 234 -14.11 7.58 15.88
C SER A 234 -13.64 8.95 15.39
N LYS A 235 -12.39 8.99 14.93
CA LYS A 235 -11.83 10.18 14.32
C LYS A 235 -10.65 9.74 13.46
N TYR A 236 -9.84 10.71 13.03
CA TYR A 236 -8.67 10.44 12.22
C TYR A 236 -7.39 10.79 13.00
N LEU A 237 -6.26 10.52 12.39
CA LEU A 237 -4.95 10.84 12.96
C LEU A 237 -4.51 12.22 12.49
N CYS A 238 -4.15 13.08 13.45
CA CYS A 238 -3.80 14.46 13.13
C CYS A 238 -2.36 14.60 12.63
N SER A 239 -1.56 13.53 12.68
CA SER A 239 -0.17 13.62 12.27
C SER A 239 -0.07 13.86 10.77
N LYS A 240 0.89 14.70 10.37
CA LYS A 240 1.10 14.97 8.96
C LYS A 240 1.85 13.85 8.25
N ILE A 241 2.43 12.92 9.01
CA ILE A 241 3.15 11.79 8.43
C ILE A 241 2.12 10.71 8.10
N LEU A 242 1.76 10.61 6.83
CA LEU A 242 0.82 9.58 6.40
C LEU A 242 1.44 8.20 6.55
N THR A 243 0.60 7.21 6.86
CA THR A 243 1.07 5.87 7.16
C THR A 243 0.25 4.81 6.42
N ASP A 244 -0.02 5.07 5.14
CA ASP A 244 -0.75 4.14 4.31
C ASP A 244 -0.06 4.03 2.95
N THR A 245 -0.28 2.89 2.28
CA THR A 245 0.27 2.65 0.96
C THR A 245 -0.87 2.22 0.04
N SER A 246 -1.10 2.98 -1.03
CA SER A 246 -0.25 4.10 -1.41
C SER A 246 -0.68 5.41 -0.75
N ARG A 247 0.15 6.44 -0.92
CA ARG A 247 -0.10 7.75 -0.32
C ARG A 247 0.64 8.79 -1.15
N PRO A 248 0.23 10.05 -1.07
CA PRO A 248 1.02 11.13 -1.69
C PRO A 248 2.15 11.57 -0.77
N ASN A 249 2.86 12.62 -1.17
CA ASN A 249 3.86 13.21 -0.28
C ASN A 249 3.18 13.77 0.96
N ASP A 250 3.89 13.73 2.08
CA ASP A 250 3.31 14.13 3.36
C ASP A 250 2.90 15.61 3.31
N PRO A 251 1.64 15.92 3.58
CA PRO A 251 1.20 17.32 3.54
C PRO A 251 1.75 18.11 4.73
N THR A 252 1.73 19.43 4.57
CA THR A 252 2.21 20.31 5.63
C THR A 252 1.35 20.20 6.89
N ASN A 253 0.03 20.12 6.72
CA ASN A 253 -0.91 20.09 7.83
C ASN A 253 -1.77 18.84 7.71
N GLY A 254 -1.35 17.75 8.33
CA GLY A 254 -2.17 16.57 8.39
C GLY A 254 -3.47 16.84 9.15
N ASN A 255 -4.58 16.47 8.52
CA ASN A 255 -5.91 16.75 9.06
C ASN A 255 -6.49 15.48 9.67
N CYS A 256 -7.23 15.63 10.76
CA CYS A 256 -7.84 14.50 11.46
C CYS A 256 -9.35 14.65 11.59
N ASP A 257 -9.98 15.42 10.71
CA ASP A 257 -11.44 15.46 10.60
C ASP A 257 -11.93 14.97 9.25
N GLU A 258 -11.31 15.42 8.15
CA GLU A 258 -11.62 14.99 6.82
C GLU A 258 -10.46 14.19 6.24
N PRO A 259 -10.74 13.15 5.46
CA PRO A 259 -9.67 12.31 4.92
C PRO A 259 -8.88 13.03 3.84
N ILE A 260 -7.64 12.56 3.66
CA ILE A 260 -6.75 13.06 2.62
C ILE A 260 -6.67 11.99 1.53
N THR A 261 -7.00 12.39 0.29
CA THR A 261 -7.10 11.46 -0.82
C THR A 261 -5.93 11.64 -1.78
N GLY A 262 -5.45 10.54 -2.31
CA GLY A 262 -4.37 10.56 -3.27
C GLY A 262 -3.70 9.20 -3.37
N GLY A 263 -2.70 9.15 -4.23
CA GLY A 263 -1.91 7.94 -4.38
C GLY A 263 -2.49 6.98 -5.40
N SER A 264 -1.63 6.11 -5.93
CA SER A 264 -2.01 5.12 -6.93
C SER A 264 -0.88 4.12 -7.05
N PRO A 265 -1.18 2.85 -7.39
CA PRO A 265 -2.51 2.31 -7.61
C PRO A 265 -3.10 1.57 -6.40
N ASP A 266 -2.27 1.28 -5.41
CA ASP A 266 -2.73 0.56 -4.24
C ASP A 266 -3.72 1.41 -3.45
N PRO A 267 -4.83 0.84 -3.01
CA PRO A 267 -5.84 1.64 -2.29
C PRO A 267 -5.52 1.81 -0.81
N GLY A 268 -4.83 0.84 -0.22
CA GLY A 268 -4.49 0.93 1.20
C GLY A 268 -3.84 -0.36 1.64
N VAL A 269 -3.22 -0.28 2.82
CA VAL A 269 -2.59 -1.44 3.45
C VAL A 269 -2.85 -1.37 4.95
N LYS A 270 -3.08 -2.53 5.56
CA LYS A 270 -3.27 -2.59 7.01
C LYS A 270 -1.98 -2.24 7.73
N GLY A 271 -2.11 -1.47 8.80
CA GLY A 271 -0.97 -1.05 9.61
C GLY A 271 -1.36 -0.93 11.05
N PHE A 272 -0.63 -0.10 11.78
CA PHE A 272 -0.87 0.12 13.21
C PHE A 272 -0.21 1.42 13.63
N ALA A 273 -0.50 1.83 14.86
CA ALA A 273 0.07 3.05 15.43
C ALA A 273 -0.14 3.08 16.94
N PHE A 274 0.94 3.28 17.69
CA PHE A 274 0.86 3.39 19.14
C PHE A 274 0.82 4.87 19.52
N LEU A 275 -0.14 5.25 20.35
CA LEU A 275 -0.37 6.65 20.67
C LEU A 275 -0.43 6.81 22.18
N ASP A 276 0.61 7.40 22.76
CA ASP A 276 0.63 7.79 24.16
C ASP A 276 1.26 9.19 24.28
N GLY A 277 0.75 10.12 23.48
CA GLY A 277 1.28 11.48 23.50
C GLY A 277 2.71 11.55 23.01
N GLU A 278 3.64 11.80 23.94
CA GLU A 278 5.06 11.81 23.57
C GLU A 278 5.55 10.41 23.23
N ASN A 279 4.87 9.38 23.72
CA ASN A 279 5.25 7.99 23.44
C ASN A 279 4.39 7.48 22.29
N SER A 280 4.76 7.89 21.08
CA SER A 280 4.00 7.56 19.88
C SER A 280 4.90 6.92 18.85
N TRP A 281 4.37 5.94 18.13
CA TRP A 281 5.11 5.22 17.10
C TRP A 281 4.20 4.95 15.92
N LEU A 282 4.67 5.28 14.71
CA LEU A 282 3.95 5.02 13.48
C LEU A 282 4.83 4.22 12.54
N GLY A 283 4.28 3.14 11.99
CA GLY A 283 5.01 2.26 11.09
C GLY A 283 4.39 2.29 9.70
N ARG A 284 5.25 2.47 8.69
CA ARG A 284 4.78 2.62 7.32
C ARG A 284 5.82 2.07 6.35
N THR A 285 5.35 1.73 5.15
CA THR A 285 6.23 1.22 4.12
C THR A 285 7.13 2.33 3.57
N ILE A 286 8.32 1.94 3.11
CA ILE A 286 9.27 2.90 2.57
C ILE A 286 8.70 3.57 1.33
N SER A 287 8.21 2.78 0.38
CA SER A 287 7.71 3.31 -0.87
C SER A 287 6.33 3.93 -0.68
N LYS A 288 6.07 5.01 -1.41
CA LYS A 288 4.78 5.70 -1.36
C LYS A 288 3.77 5.10 -2.32
N ASP A 289 4.16 4.10 -3.11
CA ASP A 289 3.25 3.54 -4.11
C ASP A 289 3.19 2.02 -4.02
N SER A 290 4.24 1.39 -3.48
CA SER A 290 4.33 -0.06 -3.43
C SER A 290 4.63 -0.51 -2.01
N ARG A 291 4.28 -1.75 -1.72
CA ARG A 291 4.49 -2.35 -0.40
C ARG A 291 5.91 -2.91 -0.31
N SER A 292 6.88 -2.00 -0.28
CA SER A 292 8.30 -2.37 -0.20
C SER A 292 8.92 -1.63 0.97
N GLY A 293 9.54 -2.38 1.88
CA GLY A 293 10.23 -1.80 3.01
C GLY A 293 9.29 -1.47 4.16
N TYR A 294 9.90 -1.18 5.31
CA TYR A 294 9.14 -0.81 6.49
C TYR A 294 10.01 0.01 7.43
N GLU A 295 9.48 1.17 7.85
CA GLU A 295 10.16 2.09 8.74
C GLU A 295 9.19 2.52 9.84
N MET A 296 9.74 3.08 10.90
CA MET A 296 8.95 3.65 11.98
C MET A 296 9.46 5.02 12.39
N LEU A 297 8.54 5.82 12.94
CA LEU A 297 8.82 7.18 13.36
C LEU A 297 8.16 7.44 14.70
N LYS A 298 8.88 8.11 15.59
CA LYS A 298 8.34 8.54 16.88
C LYS A 298 7.90 9.98 16.73
N VAL A 299 6.72 10.17 16.15
CA VAL A 299 6.17 11.51 15.95
C VAL A 299 5.46 11.94 17.24
N PRO A 300 5.94 12.99 17.92
CA PRO A 300 5.35 13.35 19.22
C PRO A 300 3.92 13.85 19.06
N ASN A 301 3.06 13.41 19.99
CA ASN A 301 1.65 13.78 20.02
C ASN A 301 0.95 13.43 18.70
N ALA A 302 0.96 12.13 18.39
CA ALA A 302 0.24 11.66 17.20
C ALA A 302 -1.26 11.76 17.35
N GLU A 303 -1.77 11.94 18.57
CA GLU A 303 -3.21 12.05 18.78
C GLU A 303 -3.78 13.34 18.23
N THR A 304 -3.13 14.47 18.52
CA THR A 304 -3.73 15.78 18.29
C THR A 304 -2.89 16.71 17.43
N ASP A 305 -1.57 16.61 17.49
CA ASP A 305 -0.72 17.56 16.80
C ASP A 305 -0.86 17.44 15.29
N THR A 306 -1.09 18.58 14.63
CA THR A 306 -1.25 18.61 13.18
C THR A 306 0.03 18.99 12.46
N GLN A 307 0.90 19.78 13.10
CA GLN A 307 2.19 20.14 12.53
C GLN A 307 3.32 19.27 13.06
N SER A 308 2.99 18.09 13.58
CA SER A 308 4.00 17.26 14.23
C SER A 308 4.99 16.70 13.21
N GLY A 309 6.23 16.54 13.65
CA GLY A 309 7.28 15.97 12.83
C GLY A 309 8.04 14.90 13.57
N PRO A 310 8.54 13.89 12.83
CA PRO A 310 9.11 12.71 13.46
C PRO A 310 10.46 12.86 14.13
N THR A 311 10.71 12.03 15.13
CA THR A 311 12.06 12.04 15.72
C THR A 311 12.56 10.62 15.49
N SER A 312 12.92 9.90 16.51
CA SER A 312 13.53 8.58 16.29
C SER A 312 13.08 7.79 15.05
N TYR A 313 13.96 7.60 14.07
CA TYR A 313 13.84 6.74 12.90
C TYR A 313 14.52 5.41 13.20
N GLN A 314 13.95 4.33 12.67
CA GLN A 314 14.59 3.03 12.72
C GLN A 314 14.19 2.25 11.47
N LEU A 315 15.20 1.80 10.72
CA LEU A 315 14.97 1.08 9.47
C LEU A 315 14.76 -0.39 9.79
N ILE A 316 13.51 -0.84 9.73
CA ILE A 316 13.16 -2.22 10.03
C ILE A 316 13.36 -3.13 8.84
N VAL A 317 12.79 -2.78 7.69
CA VAL A 317 12.91 -3.57 6.47
C VAL A 317 13.37 -2.65 5.36
N ASN A 318 14.44 -3.04 4.67
CA ASN A 318 15.01 -2.21 3.62
C ASN A 318 14.09 -2.19 2.40
N ASN A 319 14.32 -1.21 1.52
CA ASN A 319 13.47 -0.98 0.37
C ASN A 319 13.56 -2.10 -0.66
N GLN A 320 14.61 -2.92 -0.63
CA GLN A 320 14.81 -3.92 -1.66
C GLN A 320 13.75 -5.01 -1.67
N ASN A 321 13.40 -5.56 -0.51
CA ASN A 321 12.47 -6.68 -0.42
C ASN A 321 11.06 -6.18 -0.10
N TRP A 322 10.10 -7.09 -0.24
CA TRP A 322 8.69 -6.74 -0.13
C TRP A 322 8.21 -6.86 1.31
N SER A 323 7.17 -6.08 1.62
CA SER A 323 6.51 -6.10 2.91
C SER A 323 5.04 -6.47 2.71
N GLY A 324 4.26 -6.38 3.79
CA GLY A 324 2.85 -6.70 3.72
C GLY A 324 2.06 -6.12 4.87
N TYR A 325 1.08 -6.87 5.36
CA TYR A 325 0.26 -6.40 6.47
C TYR A 325 1.08 -6.32 7.75
N SER A 326 0.96 -5.21 8.45
CA SER A 326 1.67 -4.97 9.71
C SER A 326 0.66 -4.78 10.82
N GLY A 327 0.92 -5.41 11.97
CA GLY A 327 0.00 -5.37 13.09
C GLY A 327 0.73 -5.10 14.40
N ALA A 328 -0.07 -4.84 15.43
CA ALA A 328 0.41 -4.49 16.76
C ALA A 328 -0.17 -5.44 17.78
N PHE A 329 0.65 -5.84 18.76
CA PHE A 329 0.19 -6.69 19.84
C PHE A 329 0.98 -6.38 21.09
N ILE A 330 0.35 -6.58 22.25
CA ILE A 330 0.94 -6.28 23.54
C ILE A 330 0.78 -7.48 24.45
N ASP A 331 1.86 -7.87 25.13
CA ASP A 331 1.81 -8.95 26.12
C ASP A 331 1.43 -8.34 27.47
N TYR A 332 0.12 -8.24 27.70
CA TYR A 332 -0.39 -7.58 28.89
C TYR A 332 -0.05 -8.36 30.17
N TRP A 333 0.25 -9.66 30.04
CA TRP A 333 0.51 -10.51 31.18
C TRP A 333 1.98 -10.55 31.58
N ALA A 334 2.75 -9.53 31.21
CA ALA A 334 4.15 -9.47 31.55
C ALA A 334 4.34 -9.13 33.03
N ASN A 335 5.49 -9.53 33.57
CA ASN A 335 5.83 -9.26 34.96
C ASN A 335 6.54 -7.91 35.09
N LYS A 336 5.87 -6.87 34.60
CA LYS A 336 6.42 -5.52 34.59
C LYS A 336 5.35 -4.54 35.03
N GLU A 337 5.77 -3.32 35.32
CA GLU A 337 4.87 -2.22 35.63
C GLU A 337 4.34 -1.54 34.37
N CYS A 338 4.79 -1.97 33.20
CA CYS A 338 4.33 -1.44 31.91
C CYS A 338 3.65 -2.56 31.13
N PHE A 339 3.33 -2.26 29.88
CA PHE A 339 2.80 -3.25 28.94
C PHE A 339 3.79 -3.66 27.87
N ASN A 340 4.78 -2.82 27.54
CA ASN A 340 5.82 -3.11 26.58
C ASN A 340 5.23 -3.52 25.24
N PRO A 341 4.69 -2.57 24.46
CA PRO A 341 4.06 -2.92 23.18
C PRO A 341 5.04 -3.61 22.23
N CYS A 342 4.48 -4.27 21.22
CA CYS A 342 5.28 -5.00 20.25
C CYS A 342 4.53 -5.00 18.93
N PHE A 343 5.23 -5.33 17.85
CA PHE A 343 4.63 -5.29 16.53
C PHE A 343 5.10 -6.47 15.71
N TYR A 344 4.44 -6.67 14.57
CA TYR A 344 4.85 -7.65 13.58
C TYR A 344 4.65 -7.06 12.18
N VAL A 345 5.59 -7.38 11.29
CA VAL A 345 5.53 -6.96 9.89
C VAL A 345 5.76 -8.18 9.02
N GLU A 346 4.89 -8.35 8.01
CA GLU A 346 5.01 -9.46 7.08
C GLU A 346 6.03 -9.12 5.99
N LEU A 347 6.37 -10.14 5.20
CA LEU A 347 7.30 -9.96 4.10
C LEU A 347 6.74 -10.55 2.81
N ASN A 362 6.00 -16.50 2.14
CA ASN A 362 6.76 -15.41 2.75
C ASN A 362 6.81 -15.57 4.27
N SER A 363 7.75 -14.87 4.89
CA SER A 363 7.93 -14.92 6.33
C SER A 363 7.53 -13.59 6.96
N MET A 364 7.75 -13.48 8.27
CA MET A 364 7.35 -12.30 9.01
C MET A 364 8.32 -12.10 10.17
N VAL A 365 8.36 -10.87 10.67
CA VAL A 365 9.23 -10.50 11.78
C VAL A 365 8.40 -9.90 12.90
N ALA A 366 8.62 -10.37 14.12
CA ALA A 366 7.97 -9.85 15.32
C ALA A 366 9.02 -9.16 16.16
N LEU A 367 8.82 -7.88 16.45
CA LEU A 367 9.86 -7.06 17.04
C LEU A 367 9.28 -6.16 18.14
N CYS A 368 10.07 -5.95 19.19
CA CYS A 368 9.84 -4.89 20.17
C CYS A 368 11.01 -4.82 21.12
N GLY A 369 11.32 -3.61 21.58
CA GLY A 369 12.48 -3.38 22.41
C GLY A 369 12.20 -2.70 23.73
N SER A 370 13.24 -2.16 24.34
CA SER A 370 13.16 -1.57 25.67
C SER A 370 13.67 -0.14 25.66
N ARG A 371 13.89 0.43 26.85
CA ARG A 371 14.36 1.80 26.95
C ARG A 371 15.75 2.01 26.36
N GLU A 372 16.46 0.93 26.04
CA GLU A 372 17.75 1.05 25.37
C GLU A 372 17.61 1.86 24.10
N ARG A 373 18.53 2.80 23.90
CA ARG A 373 18.38 3.83 22.89
C ARG A 373 19.09 3.44 21.60
N LEU A 374 18.61 4.01 20.49
CA LEU A 374 19.07 3.63 19.17
C LEU A 374 20.57 3.90 19.00
N GLY A 375 21.17 3.18 18.07
CA GLY A 375 22.59 3.33 17.79
C GLY A 375 23.02 2.34 16.73
N SER A 376 24.34 2.23 16.56
CA SER A 376 24.89 1.29 15.60
C SER A 376 24.67 -0.17 16.03
N TRP A 377 24.25 -0.39 17.26
CA TRP A 377 24.04 -1.73 17.79
C TRP A 377 22.62 -2.25 17.58
N SER A 378 21.73 -1.44 17.00
CA SER A 378 20.33 -1.80 16.85
C SER A 378 20.02 -2.24 15.43
N TRP A 379 19.10 -3.18 15.31
CA TRP A 379 18.65 -3.69 14.01
C TRP A 379 17.20 -4.15 14.08
N SER B 2 41.05 15.70 10.03
CA SER B 2 41.74 14.41 9.87
C SER B 2 41.34 13.74 8.56
N VAL B 3 42.32 13.33 7.78
CA VAL B 3 42.11 12.68 6.50
C VAL B 3 42.80 11.32 6.52
N LEU B 4 42.09 10.28 6.09
CA LEU B 4 42.66 8.95 6.06
C LEU B 4 43.76 8.88 5.01
N THR B 5 44.64 7.90 5.16
CA THR B 5 45.81 7.76 4.31
C THR B 5 45.78 6.41 3.59
N GLN B 6 46.13 6.42 2.32
CA GLN B 6 46.31 5.24 1.49
C GLN B 6 47.78 5.17 1.06
N PRO B 7 48.29 3.98 0.70
CA PRO B 7 49.73 3.85 0.45
C PRO B 7 50.27 4.81 -0.59
N ALA B 8 49.75 4.71 -1.83
CA ALA B 8 50.14 5.54 -2.96
C ALA B 8 49.55 4.97 -4.24
N SER B 9 50.09 3.84 -4.68
CA SER B 9 49.61 3.14 -5.87
C SER B 9 50.22 1.74 -5.86
N VAL B 10 49.37 0.74 -6.12
CA VAL B 10 49.79 -0.66 -6.10
C VAL B 10 49.38 -1.31 -7.41
N SER B 11 50.12 -2.36 -7.78
CA SER B 11 49.88 -3.07 -9.02
C SER B 11 50.51 -4.45 -8.91
N GLY B 12 50.08 -5.33 -9.82
CA GLY B 12 50.63 -6.68 -9.85
C GLY B 12 50.20 -7.40 -11.11
N SER B 13 50.75 -8.60 -11.27
CA SER B 13 50.44 -9.43 -12.43
C SER B 13 49.10 -10.12 -12.26
N PRO B 14 48.45 -10.50 -13.35
CA PRO B 14 47.20 -11.26 -13.26
C PRO B 14 47.44 -12.61 -12.58
N GLY B 15 46.42 -13.07 -11.85
CA GLY B 15 46.49 -14.29 -11.08
C GLY B 15 46.97 -14.10 -9.65
N GLN B 16 47.33 -12.88 -9.27
CA GLN B 16 47.79 -12.60 -7.92
C GLN B 16 46.73 -11.83 -7.15
N SER B 17 46.90 -11.82 -5.82
CA SER B 17 45.99 -11.12 -4.92
C SER B 17 46.65 -9.84 -4.44
N ILE B 18 45.93 -8.73 -4.56
CA ILE B 18 46.44 -7.41 -4.18
C ILE B 18 45.63 -6.89 -3.01
N THR B 19 46.33 -6.35 -2.01
CA THR B 19 45.70 -5.82 -0.81
C THR B 19 45.96 -4.33 -0.71
N ILE B 20 44.88 -3.56 -0.54
CA ILE B 20 44.95 -2.11 -0.37
C ILE B 20 44.55 -1.80 1.08
N SER B 21 45.39 -1.02 1.76
CA SER B 21 45.20 -0.70 3.16
C SER B 21 44.84 0.76 3.32
N CYS B 22 44.00 1.04 4.31
CA CYS B 22 43.56 2.41 4.61
C CYS B 22 43.52 2.58 6.12
N THR B 23 44.35 3.49 6.63
CA THR B 23 44.43 3.73 8.06
C THR B 23 44.12 5.19 8.38
N GLY B 24 43.56 5.42 9.56
CA GLY B 24 43.21 6.75 9.99
C GLY B 24 43.34 6.96 11.49
N THR B 25 42.34 7.56 12.10
CA THR B 25 42.30 7.80 13.53
C THR B 25 41.35 6.80 14.19
N SER B 26 41.16 6.96 15.50
CA SER B 26 40.28 6.07 16.25
C SER B 26 38.85 6.56 16.30
N SER B 27 38.61 7.85 16.17
CA SER B 27 37.28 8.43 16.27
C SER B 27 36.47 8.30 14.98
N ASP B 28 37.08 7.87 13.88
CA ASP B 28 36.39 7.75 12.61
C ASP B 28 36.38 6.32 12.07
N VAL B 29 37.52 5.63 12.11
CA VAL B 29 37.65 4.30 11.54
C VAL B 29 37.55 3.22 12.62
N GLY B 30 38.39 3.32 13.66
CA GLY B 30 38.45 2.27 14.66
C GLY B 30 37.15 2.11 15.43
N GLY B 31 36.51 3.22 15.78
CA GLY B 31 35.32 3.14 16.62
C GLY B 31 34.14 2.45 15.94
N TYR B 32 33.88 2.79 14.68
CA TYR B 32 32.69 2.35 13.98
C TYR B 32 33.05 1.42 12.84
N ASN B 33 32.18 0.42 12.61
CA ASN B 33 32.33 -0.49 11.47
C ASN B 33 31.55 0.06 10.26
N TYR B 34 31.91 1.27 9.86
CA TYR B 34 31.24 2.01 8.81
C TYR B 34 32.23 2.45 7.75
N VAL B 35 33.05 1.51 7.29
CA VAL B 35 34.09 1.77 6.29
C VAL B 35 33.62 1.17 4.97
N SER B 36 33.66 1.98 3.92
CA SER B 36 33.24 1.56 2.58
C SER B 36 34.38 1.73 1.59
N TRP B 37 34.26 1.05 0.46
CA TRP B 37 35.26 1.05 -0.60
C TRP B 37 34.60 1.33 -1.93
N TYR B 38 35.21 2.23 -2.71
CA TYR B 38 34.67 2.64 -4.00
C TYR B 38 35.73 2.46 -5.08
N GLN B 39 35.27 2.18 -6.31
CA GLN B 39 36.13 2.12 -7.48
C GLN B 39 35.60 3.09 -8.53
N GLN B 40 36.51 3.78 -9.21
CA GLN B 40 36.15 4.79 -10.19
C GLN B 40 37.02 4.61 -11.43
N HIS B 41 36.38 4.64 -12.59
CA HIS B 41 37.08 4.61 -13.86
C HIS B 41 37.09 6.00 -14.48
N PRO B 42 38.12 6.32 -15.27
CA PRO B 42 38.18 7.65 -15.90
C PRO B 42 36.95 7.94 -16.75
N GLY B 43 36.30 9.07 -16.47
CA GLY B 43 35.08 9.42 -17.16
C GLY B 43 33.84 8.75 -16.65
N LYS B 44 33.91 8.03 -15.52
CA LYS B 44 32.78 7.32 -14.97
C LYS B 44 32.60 7.69 -13.50
N ALA B 45 31.34 7.71 -13.06
CA ALA B 45 31.04 8.03 -11.68
C ALA B 45 31.50 6.90 -10.76
N PRO B 46 31.88 7.22 -9.52
CA PRO B 46 32.29 6.16 -8.59
C PRO B 46 31.17 5.16 -8.32
N LYS B 47 31.57 3.92 -8.09
CA LYS B 47 30.64 2.83 -7.81
C LYS B 47 30.94 2.25 -6.45
N LEU B 48 29.89 1.98 -5.68
CA LEU B 48 30.06 1.43 -4.33
C LEU B 48 30.51 -0.02 -4.43
N MET B 49 31.82 -0.24 -4.37
CA MET B 49 32.36 -1.59 -4.49
C MET B 49 32.03 -2.42 -3.26
N ILE B 50 32.26 -1.88 -2.07
CA ILE B 50 32.04 -2.61 -0.82
C ILE B 50 31.38 -1.67 0.19
N TYR B 51 30.34 -2.15 0.85
CA TYR B 51 29.64 -1.40 1.89
C TYR B 51 29.61 -2.21 3.17
N ASP B 52 29.54 -1.51 4.31
CA ASP B 52 29.51 -2.13 5.63
C ASP B 52 30.71 -3.03 5.85
N VAL B 53 31.90 -2.44 5.68
CA VAL B 53 33.18 -3.09 5.94
C VAL B 53 33.39 -4.31 5.05
N SER B 54 32.57 -5.35 5.22
CA SER B 54 32.79 -6.62 4.55
C SER B 54 31.47 -7.18 3.99
N LYS B 55 30.70 -6.32 3.33
CA LYS B 55 29.46 -6.74 2.69
C LYS B 55 29.43 -6.23 1.26
N ARG B 56 28.75 -6.97 0.38
CA ARG B 56 28.73 -6.70 -1.04
C ARG B 56 27.36 -6.20 -1.49
N PRO B 57 27.31 -5.20 -2.37
CA PRO B 57 26.02 -4.74 -2.90
C PRO B 57 25.45 -5.72 -3.91
N SER B 58 24.34 -5.34 -4.55
CA SER B 58 23.72 -6.18 -5.58
C SER B 58 24.70 -6.43 -6.72
N GLY B 59 25.07 -7.70 -6.90
CA GLY B 59 26.08 -8.04 -7.90
C GLY B 59 27.46 -8.10 -7.26
N VAL B 60 28.44 -7.48 -7.93
CA VAL B 60 29.82 -7.37 -7.45
C VAL B 60 30.49 -8.74 -7.41
N SER B 61 31.59 -8.88 -8.15
CA SER B 61 32.30 -10.14 -8.21
C SER B 61 32.85 -10.52 -6.84
N ASN B 62 32.93 -11.83 -6.59
CA ASN B 62 33.39 -12.33 -5.30
C ASN B 62 34.84 -11.99 -5.03
N ARG B 63 35.61 -11.63 -6.06
CA ARG B 63 37.03 -11.34 -5.88
C ARG B 63 37.28 -10.19 -4.90
N PHE B 64 36.31 -9.29 -4.74
CA PHE B 64 36.43 -8.21 -3.77
C PHE B 64 36.09 -8.72 -2.38
N SER B 65 37.00 -8.53 -1.43
CA SER B 65 36.75 -8.89 -0.05
C SER B 65 37.26 -7.78 0.86
N GLY B 66 36.66 -7.68 2.05
CA GLY B 66 37.03 -6.66 2.99
C GLY B 66 37.33 -7.24 4.36
N SER B 67 38.18 -6.53 5.10
CA SER B 67 38.54 -6.94 6.45
C SER B 67 38.95 -5.70 7.24
N LYS B 68 38.94 -5.84 8.56
CA LYS B 68 39.27 -4.74 9.45
C LYS B 68 40.18 -5.24 10.56
N SER B 69 41.09 -4.38 10.99
CA SER B 69 42.00 -4.70 12.09
C SER B 69 42.48 -3.39 12.69
N GLY B 70 42.08 -3.13 13.94
CA GLY B 70 42.43 -1.87 14.57
C GLY B 70 41.85 -0.71 13.79
N ASN B 71 42.70 0.25 13.46
CA ASN B 71 42.31 1.40 12.64
C ASN B 71 42.59 1.19 11.16
N THR B 72 42.78 -0.07 10.74
CA THR B 72 43.16 -0.39 9.36
C THR B 72 42.02 -1.14 8.68
N ALA B 73 41.62 -0.66 7.51
CA ALA B 73 40.66 -1.34 6.66
C ALA B 73 41.39 -1.87 5.43
N SER B 74 41.21 -3.15 5.14
CA SER B 74 41.93 -3.84 4.07
C SER B 74 40.96 -4.35 3.03
N LEU B 75 41.24 -4.07 1.76
CA LEU B 75 40.51 -4.61 0.64
C LEU B 75 41.41 -5.58 -0.11
N THR B 76 40.93 -6.80 -0.31
CA THR B 76 41.70 -7.85 -0.97
C THR B 76 41.01 -8.23 -2.27
N ILE B 77 41.80 -8.25 -3.35
CA ILE B 77 41.35 -8.74 -4.66
C ILE B 77 42.13 -10.00 -4.96
N SER B 78 41.43 -11.13 -5.01
CA SER B 78 42.05 -12.43 -5.26
C SER B 78 41.92 -12.74 -6.75
N GLY B 79 43.05 -12.91 -7.42
CA GLY B 79 43.04 -13.21 -8.84
C GLY B 79 42.54 -12.04 -9.68
N LEU B 80 43.34 -10.97 -9.74
CA LEU B 80 43.00 -9.81 -10.57
C LEU B 80 42.85 -10.24 -12.02
N GLN B 81 41.63 -10.25 -12.54
CA GLN B 81 41.38 -10.96 -13.79
C GLN B 81 41.70 -10.12 -15.03
N ALA B 82 40.89 -9.10 -15.31
CA ALA B 82 41.03 -8.41 -16.59
C ALA B 82 41.23 -6.91 -16.49
N GLU B 83 40.29 -6.21 -15.86
CA GLU B 83 40.14 -4.78 -16.07
C GLU B 83 39.83 -4.05 -14.77
N ASP B 84 40.25 -4.62 -13.64
CA ASP B 84 40.07 -3.97 -12.36
C ASP B 84 40.96 -2.74 -12.19
N GLU B 85 41.69 -2.35 -13.22
CA GLU B 85 42.50 -1.14 -13.17
C GLU B 85 41.61 0.09 -13.04
N ALA B 86 41.76 0.82 -11.94
CA ALA B 86 40.90 1.97 -11.65
C ALA B 86 41.47 2.71 -10.46
N ASP B 87 40.75 3.73 -10.01
CA ASP B 87 41.08 4.46 -8.79
C ASP B 87 40.20 3.95 -7.65
N TYR B 88 40.83 3.42 -6.61
CA TYR B 88 40.13 2.84 -5.47
C TYR B 88 40.25 3.77 -4.28
N TYR B 89 39.13 3.97 -3.58
CA TYR B 89 39.05 4.93 -2.48
C TYR B 89 38.43 4.26 -1.25
N CYS B 90 38.92 4.64 -0.08
CA CYS B 90 38.39 4.20 1.20
C CYS B 90 37.65 5.35 1.84
N SER B 91 36.49 5.08 2.43
CA SER B 91 35.66 6.08 3.08
C SER B 91 35.26 5.60 4.45
N SER B 92 35.15 6.53 5.39
CA SER B 92 34.76 6.21 6.76
C SER B 92 33.75 7.23 7.26
N TYR B 93 32.98 6.83 8.26
CA TYR B 93 31.96 7.69 8.88
C TYR B 93 32.49 8.13 10.24
N THR B 94 32.44 9.43 10.48
CA THR B 94 33.03 9.99 11.69
C THR B 94 31.96 10.22 12.75
N SER B 95 32.44 10.54 13.97
CA SER B 95 31.54 10.81 15.08
C SER B 95 30.75 12.10 14.88
N SER B 96 31.21 13.00 14.03
CA SER B 96 30.55 14.28 13.81
C SER B 96 29.55 14.23 12.66
N SER B 97 29.03 13.05 12.32
CA SER B 97 28.06 12.89 11.24
C SER B 97 28.62 13.40 9.90
N THR B 98 29.89 13.11 9.65
CA THR B 98 30.56 13.51 8.42
C THR B 98 31.29 12.32 7.83
N TRP B 99 31.43 12.32 6.51
CA TRP B 99 32.10 11.27 5.76
C TRP B 99 33.50 11.75 5.40
N VAL B 100 34.49 10.87 5.57
CA VAL B 100 35.88 11.18 5.21
C VAL B 100 36.33 10.22 4.11
N PHE B 101 36.99 10.78 3.11
CA PHE B 101 37.45 10.05 1.94
C PHE B 101 38.96 9.90 1.98
N GLY B 102 39.44 8.73 1.54
CA GLY B 102 40.87 8.49 1.49
C GLY B 102 41.54 9.22 0.33
N GLY B 103 42.86 9.19 0.34
CA GLY B 103 43.62 9.86 -0.71
C GLY B 103 43.41 9.27 -2.09
N GLY B 104 43.33 7.95 -2.18
CA GLY B 104 43.10 7.28 -3.44
C GLY B 104 44.30 6.45 -3.85
N THR B 105 44.03 5.31 -4.49
CA THR B 105 45.06 4.40 -4.95
C THR B 105 44.80 4.06 -6.41
N LYS B 106 45.83 4.21 -7.26
CA LYS B 106 45.72 3.90 -8.67
C LYS B 106 46.20 2.47 -8.90
N LEU B 107 45.27 1.58 -9.26
CA LEU B 107 45.59 0.20 -9.59
C LEU B 107 45.64 0.09 -11.11
N THR B 108 46.82 -0.17 -11.66
CA THR B 108 47.06 -0.18 -13.09
C THR B 108 47.44 -1.58 -13.55
N VAL B 109 46.89 -1.98 -14.69
CA VAL B 109 47.13 -3.31 -15.26
C VAL B 109 47.74 -3.16 -16.65
N LEU B 110 48.86 -3.82 -16.86
CA LEU B 110 49.51 -3.83 -18.17
C LEU B 110 48.72 -4.74 -19.12
N GLY B 111 48.91 -4.55 -20.42
CA GLY B 111 48.20 -5.35 -21.40
C GLY B 111 49.11 -6.23 -22.22
N GLN B 112 50.40 -5.91 -22.23
CA GLN B 112 51.39 -6.68 -22.97
C GLN B 112 52.75 -6.41 -22.37
N PRO B 113 53.65 -7.41 -22.38
CA PRO B 113 55.01 -7.24 -21.86
C PRO B 113 55.84 -6.25 -22.68
N GLN C 1 15.40 5.13 -14.61
CA GLN C 1 16.55 4.25 -14.44
C GLN C 1 17.81 5.06 -14.13
N VAL C 2 17.82 6.32 -14.56
CA VAL C 2 18.97 7.18 -14.31
C VAL C 2 19.05 7.63 -12.85
N GLN C 3 17.96 7.44 -12.09
CA GLN C 3 17.92 7.78 -10.67
C GLN C 3 18.10 9.27 -10.44
N LEU C 4 19.32 9.78 -10.65
CA LEU C 4 19.62 11.19 -10.39
C LEU C 4 20.24 11.81 -11.64
N VAL C 5 19.70 12.95 -12.05
CA VAL C 5 20.26 13.76 -13.13
C VAL C 5 20.52 15.15 -12.57
N GLN C 6 21.73 15.66 -12.77
CA GLN C 6 22.14 16.89 -12.07
C GLN C 6 21.85 18.13 -12.93
N SER C 7 22.55 18.24 -14.06
CA SER C 7 22.45 19.41 -14.94
C SER C 7 23.41 19.30 -16.12
N GLY C 8 24.62 19.80 -15.94
CA GLY C 8 25.61 19.83 -17.00
C GLY C 8 26.76 20.75 -16.65
N ALA C 9 27.72 20.91 -17.57
CA ALA C 9 28.90 21.71 -17.29
C ALA C 9 28.53 23.18 -17.15
N GLU C 10 29.43 23.94 -16.53
CA GLU C 10 29.21 25.37 -16.33
C GLU C 10 30.54 26.05 -16.00
N VAL C 11 30.68 27.28 -16.48
CA VAL C 11 31.85 28.11 -16.21
C VAL C 11 31.36 29.38 -15.52
N LYS C 12 31.98 29.71 -14.39
CA LYS C 12 31.57 30.85 -13.58
C LYS C 12 32.78 31.72 -13.25
N LYS C 13 32.51 33.02 -13.09
CA LYS C 13 33.54 33.98 -12.72
C LYS C 13 33.91 33.82 -11.25
N PRO C 14 35.14 34.16 -10.87
CA PRO C 14 35.53 34.08 -9.46
C PRO C 14 34.74 35.06 -8.60
N GLY C 15 34.48 34.67 -7.37
CA GLY C 15 33.77 35.50 -6.43
C GLY C 15 32.26 35.43 -6.50
N SER C 16 31.71 34.69 -7.45
CA SER C 16 30.27 34.58 -7.61
C SER C 16 29.75 33.40 -6.77
N SER C 17 28.47 33.06 -6.97
CA SER C 17 27.84 31.96 -6.28
C SER C 17 27.34 30.93 -7.29
N VAL C 18 27.61 29.66 -7.01
CA VAL C 18 27.23 28.58 -7.92
C VAL C 18 26.14 27.75 -7.28
N LYS C 19 25.18 27.33 -8.09
CA LYS C 19 24.03 26.55 -7.62
C LYS C 19 23.85 25.35 -8.55
N VAL C 20 23.78 24.16 -7.95
CA VAL C 20 23.68 22.90 -8.67
C VAL C 20 22.46 22.15 -8.16
N SER C 21 21.81 21.41 -9.05
CA SER C 21 20.55 20.74 -8.77
C SER C 21 20.73 19.22 -8.80
N CYS C 22 19.96 18.53 -7.97
CA CYS C 22 19.87 17.08 -7.98
C CYS C 22 18.42 16.66 -7.88
N LYS C 23 17.93 15.94 -8.89
CA LYS C 23 16.54 15.50 -8.95
C LYS C 23 16.49 13.98 -8.97
N ALA C 24 15.63 13.41 -8.12
CA ALA C 24 15.49 11.96 -8.06
C ALA C 24 14.60 11.45 -9.19
N SER C 25 14.67 10.14 -9.41
CA SER C 25 13.81 9.52 -10.42
C SER C 25 12.34 9.68 -10.05
N GLY C 26 12.01 9.46 -8.78
CA GLY C 26 10.67 9.70 -8.28
C GLY C 26 10.60 11.03 -7.54
N GLY C 27 9.44 11.69 -7.66
CA GLY C 27 9.27 12.98 -7.05
C GLY C 27 8.97 12.94 -5.57
N THR C 28 9.75 12.17 -4.80
CA THR C 28 9.55 12.03 -3.37
C THR C 28 10.85 11.67 -2.69
N PHE C 29 11.21 12.43 -1.65
CA PHE C 29 12.33 12.12 -0.76
C PHE C 29 11.72 11.58 0.53
N SER C 30 11.45 10.27 0.55
CA SER C 30 10.75 9.66 1.68
C SER C 30 11.66 9.54 2.90
N SER C 31 12.74 8.75 2.79
CA SER C 31 13.69 8.58 3.87
C SER C 31 15.12 8.56 3.37
N TYR C 32 15.40 9.18 2.23
CA TYR C 32 16.72 9.12 1.61
C TYR C 32 17.54 10.34 2.01
N ALA C 33 18.79 10.10 2.41
CA ALA C 33 19.73 11.16 2.71
C ALA C 33 20.52 11.50 1.46
N ILE C 34 20.54 12.79 1.11
CA ILE C 34 21.17 13.27 -0.11
C ILE C 34 22.50 13.91 0.25
N SER C 35 23.59 13.33 -0.24
CA SER C 35 24.93 13.83 -0.01
C SER C 35 25.47 14.50 -1.26
N TRP C 36 26.42 15.40 -1.06
CA TRP C 36 27.06 16.11 -2.16
C TRP C 36 28.57 15.98 -2.01
N VAL C 37 29.21 15.46 -3.05
CA VAL C 37 30.64 15.13 -3.05
C VAL C 37 31.32 15.92 -4.16
N ARG C 38 32.60 16.22 -3.96
CA ARG C 38 33.39 16.94 -4.94
C ARG C 38 34.62 16.13 -5.30
N GLN C 39 35.02 16.20 -6.57
CA GLN C 39 36.23 15.53 -7.05
C GLN C 39 37.05 16.52 -7.85
N ALA C 40 38.30 16.72 -7.44
CA ALA C 40 39.22 17.52 -8.21
C ALA C 40 39.70 16.72 -9.43
N PRO C 41 40.14 17.40 -10.49
CA PRO C 41 40.49 16.66 -11.72
C PRO C 41 41.76 15.84 -11.59
N GLY C 42 41.60 14.52 -11.46
CA GLY C 42 42.73 13.61 -11.42
C GLY C 42 43.41 13.47 -10.09
N GLN C 43 42.79 13.92 -9.00
CA GLN C 43 43.36 13.74 -7.65
C GLN C 43 42.53 12.80 -6.79
N GLY C 44 41.25 13.10 -6.58
CA GLY C 44 40.42 12.25 -5.75
C GLY C 44 39.13 12.94 -5.38
N LEU C 45 38.36 12.23 -4.56
CA LEU C 45 37.08 12.74 -4.10
C LEU C 45 37.23 13.58 -2.83
N GLU C 46 36.15 14.27 -2.47
CA GLU C 46 36.14 15.10 -1.27
C GLU C 46 34.68 15.27 -0.83
N TRP C 47 34.34 14.67 0.30
CA TRP C 47 33.00 14.82 0.83
C TRP C 47 32.76 16.26 1.24
N MET C 48 31.60 16.79 0.85
CA MET C 48 31.32 18.21 1.00
C MET C 48 30.10 18.48 1.86
N GLY C 49 28.99 17.77 1.64
CA GLY C 49 27.82 18.06 2.46
C GLY C 49 26.81 16.93 2.45
N GLY C 50 25.80 17.09 3.29
CA GLY C 50 24.73 16.11 3.36
C GLY C 50 23.48 16.71 3.96
N ILE C 51 22.33 16.18 3.53
CA ILE C 51 21.04 16.68 3.99
C ILE C 51 20.08 15.51 4.17
N ILE C 52 19.24 15.60 5.20
CA ILE C 52 18.13 14.68 5.43
C ILE C 52 16.86 15.51 5.45
N PRO C 53 16.02 15.44 4.42
CA PRO C 53 14.86 16.34 4.33
C PRO C 53 13.72 15.96 5.24
N ILE C 54 13.60 14.67 5.57
CA ILE C 54 12.50 14.21 6.42
C ILE C 54 12.62 14.82 7.81
N PHE C 55 13.83 14.83 8.38
CA PHE C 55 14.08 15.55 9.62
C PHE C 55 14.62 16.96 9.40
N GLY C 56 14.92 17.32 8.15
CA GLY C 56 15.41 18.65 7.84
C GLY C 56 16.74 18.98 8.52
N THR C 57 17.69 18.05 8.46
CA THR C 57 18.99 18.23 9.11
C THR C 57 20.07 18.34 8.05
N ALA C 58 20.87 19.40 8.14
CA ALA C 58 21.93 19.67 7.17
C ALA C 58 23.28 19.61 7.88
N ASN C 59 24.21 18.83 7.33
CA ASN C 59 25.56 18.70 7.87
C ASN C 59 26.57 19.05 6.80
N TYR C 60 27.64 19.73 7.21
CA TYR C 60 28.69 20.15 6.29
C TYR C 60 30.04 19.70 6.83
N ALA C 61 31.00 19.58 5.92
CA ALA C 61 32.36 19.22 6.28
C ALA C 61 33.03 20.37 7.03
N GLN C 62 34.13 20.03 7.72
CA GLN C 62 34.84 21.03 8.52
C GLN C 62 35.39 22.16 7.65
N LYS C 63 35.97 21.81 6.49
CA LYS C 63 36.58 22.82 5.64
C LYS C 63 35.54 23.77 5.04
N PHE C 64 34.38 23.24 4.66
CA PHE C 64 33.39 23.99 3.90
C PHE C 64 32.31 24.61 4.77
N GLN C 65 32.46 24.58 6.08
CA GLN C 65 31.48 25.21 6.97
C GLN C 65 31.41 26.71 6.72
N GLY C 66 30.20 27.22 6.56
CA GLY C 66 29.99 28.64 6.30
C GLY C 66 30.11 29.06 4.86
N ARG C 67 30.33 28.11 3.95
CA ARG C 67 30.41 28.45 2.52
C ARG C 67 29.46 27.64 1.66
N VAL C 68 29.18 26.39 2.03
CA VAL C 68 28.31 25.50 1.27
C VAL C 68 26.96 25.45 1.97
N THR C 69 25.89 25.55 1.18
CA THR C 69 24.52 25.48 1.69
C THR C 69 23.75 24.45 0.89
N ILE C 70 23.07 23.54 1.57
CA ILE C 70 22.28 22.49 0.93
C ILE C 70 20.85 22.65 1.39
N THR C 71 19.93 22.74 0.44
CA THR C 71 18.50 22.86 0.72
C THR C 71 17.73 21.81 -0.07
N ALA C 72 16.53 21.49 0.41
CA ALA C 72 15.68 20.49 -0.23
C ALA C 72 14.31 21.09 -0.50
N ASP C 73 13.73 20.72 -1.64
CA ASP C 73 12.39 21.13 -2.04
C ASP C 73 11.61 19.86 -2.36
N GLU C 74 10.75 19.44 -1.42
CA GLU C 74 10.00 18.21 -1.59
C GLU C 74 8.86 18.37 -2.58
N SER C 75 8.51 19.60 -2.96
CA SER C 75 7.49 19.80 -3.97
C SER C 75 7.91 19.20 -5.30
N THR C 76 9.17 19.41 -5.69
CA THR C 76 9.73 18.81 -6.89
C THR C 76 10.82 17.79 -6.59
N SER C 77 11.05 17.47 -5.31
CA SER C 77 12.09 16.54 -4.89
C SER C 77 13.46 16.95 -5.44
N THR C 78 13.78 18.23 -5.27
CA THR C 78 15.01 18.81 -5.82
C THR C 78 15.92 19.25 -4.70
N ALA C 79 17.17 18.79 -4.73
CA ALA C 79 18.19 19.21 -3.79
C ALA C 79 19.05 20.28 -4.44
N TYR C 80 19.12 21.45 -3.81
CA TYR C 80 19.92 22.56 -4.29
C TYR C 80 21.19 22.68 -3.44
N MET C 81 22.32 22.79 -4.12
CA MET C 81 23.62 22.92 -3.47
C MET C 81 24.29 24.19 -3.95
N GLU C 82 24.70 25.05 -3.02
CA GLU C 82 25.15 26.40 -3.36
C GLU C 82 26.48 26.70 -2.68
N LEU C 83 27.41 27.26 -3.47
CA LEU C 83 28.65 27.84 -2.95
C LEU C 83 28.62 29.34 -3.14
N SER C 84 29.20 30.07 -2.19
CA SER C 84 29.38 31.51 -2.27
C SER C 84 30.86 31.85 -2.20
N SER C 85 31.21 33.00 -2.77
CA SER C 85 32.60 33.47 -2.85
C SER C 85 33.48 32.44 -3.56
N LEU C 86 33.16 32.21 -4.83
CA LEU C 86 33.88 31.22 -5.63
C LEU C 86 35.33 31.66 -5.86
N ARG C 87 36.24 30.72 -5.76
CA ARG C 87 37.66 30.95 -6.01
C ARG C 87 38.11 30.15 -7.22
N SER C 88 39.33 30.43 -7.68
CA SER C 88 39.86 29.75 -8.86
C SER C 88 40.09 28.27 -8.63
N GLU C 89 40.20 27.84 -7.38
CA GLU C 89 40.41 26.43 -7.06
C GLU C 89 39.10 25.66 -6.94
N ASP C 90 37.97 26.30 -7.24
CA ASP C 90 36.66 25.66 -7.16
C ASP C 90 36.30 24.88 -8.41
N THR C 91 37.19 24.83 -9.41
CA THR C 91 36.93 24.04 -10.60
C THR C 91 37.11 22.56 -10.28
N ALA C 92 36.04 21.79 -10.47
CA ALA C 92 36.01 20.38 -10.09
C ALA C 92 34.76 19.75 -10.70
N VAL C 93 34.47 18.53 -10.27
CA VAL C 93 33.24 17.84 -10.65
C VAL C 93 32.45 17.56 -9.38
N TYR C 94 31.22 18.06 -9.32
CA TYR C 94 30.34 17.87 -8.18
C TYR C 94 29.32 16.80 -8.48
N TYR C 95 29.16 15.85 -7.57
CA TYR C 95 28.20 14.76 -7.71
C TYR C 95 27.21 14.80 -6.56
N CYS C 96 25.99 14.39 -6.85
CA CYS C 96 24.96 14.20 -5.84
C CYS C 96 24.71 12.70 -5.69
N ALA C 97 24.70 12.22 -4.45
CA ALA C 97 24.52 10.82 -4.15
C ALA C 97 23.39 10.64 -3.15
N ARG C 98 22.86 9.43 -3.09
CA ARG C 98 21.70 9.11 -2.27
C ARG C 98 22.00 7.91 -1.40
N GLY C 99 21.40 7.89 -0.21
CA GLY C 99 21.57 6.76 0.69
C GLY C 99 20.32 6.52 1.52
N GLN C 100 20.23 5.32 2.08
CA GLN C 100 19.08 4.91 2.87
C GLN C 100 19.36 5.14 4.35
N LEU C 101 18.58 6.00 4.98
CA LEU C 101 18.75 6.29 6.40
C LEU C 101 18.37 5.10 7.24
N ARG C 102 19.19 4.79 8.25
CA ARG C 102 18.96 3.65 9.11
C ARG C 102 18.35 3.99 10.46
N TYR C 103 18.97 4.89 11.24
CA TYR C 103 18.35 5.37 12.46
C TYR C 103 18.68 6.85 12.63
N PHE C 104 17.87 7.51 13.45
CA PHE C 104 18.10 8.93 13.77
C PHE C 104 17.65 9.16 15.20
N ASP C 105 18.53 9.73 16.02
CA ASP C 105 18.22 10.08 17.39
C ASP C 105 19.18 11.17 17.86
N TRP C 106 18.63 12.23 18.43
CA TRP C 106 19.45 13.38 18.80
C TRP C 106 20.51 13.08 19.86
N PRO C 107 20.20 12.41 21.00
CA PRO C 107 21.25 12.19 22.01
C PRO C 107 22.43 11.39 21.49
N THR C 108 22.18 10.20 20.97
CA THR C 108 23.24 9.41 20.35
C THR C 108 23.67 10.06 19.04
N ILE C 109 24.64 9.44 18.37
CA ILE C 109 25.16 9.99 17.11
C ILE C 109 24.06 9.91 16.06
N PRO C 110 23.60 11.04 15.52
CA PRO C 110 22.51 11.00 14.53
C PRO C 110 23.02 10.72 13.13
N SER C 111 22.11 10.71 12.16
CA SER C 111 22.47 10.56 10.75
C SER C 111 23.25 9.25 10.51
N SER C 112 22.54 8.15 10.74
CA SER C 112 23.13 6.83 10.68
C SER C 112 23.76 6.55 9.31
N TYR C 113 24.49 5.45 9.25
CA TYR C 113 25.17 5.04 8.03
C TYR C 113 24.17 4.84 6.89
N TYR C 114 24.24 5.71 5.88
CA TYR C 114 23.44 5.57 4.68
C TYR C 114 24.26 5.40 3.41
N GLY C 115 25.58 5.62 3.48
CA GLY C 115 26.45 5.27 2.39
C GLY C 115 26.25 6.15 1.16
N MET C 116 26.71 5.60 0.02
CA MET C 116 26.66 6.28 -1.26
C MET C 116 26.23 5.30 -2.35
N ASP C 117 25.20 4.51 -2.06
CA ASP C 117 24.85 3.38 -2.93
C ASP C 117 24.28 3.82 -4.28
N VAL C 118 23.92 5.08 -4.44
CA VAL C 118 23.42 5.60 -5.72
C VAL C 118 24.12 6.92 -6.01
N TRP C 119 24.62 7.07 -7.24
CA TRP C 119 25.34 8.28 -7.63
C TRP C 119 24.72 8.95 -8.83
N GLY C 120 25.37 10.02 -9.33
CA GLY C 120 24.93 10.71 -10.51
C GLY C 120 26.07 10.84 -11.51
N GLN C 121 25.72 11.36 -12.69
CA GLN C 121 26.69 11.50 -13.77
C GLN C 121 27.72 12.60 -13.51
N GLY C 122 27.37 13.61 -12.73
CA GLY C 122 28.35 14.61 -12.37
C GLY C 122 28.08 15.94 -13.05
N THR C 123 28.59 17.01 -12.44
CA THR C 123 28.45 18.37 -12.95
C THR C 123 29.82 19.05 -12.89
N THR C 124 30.35 19.42 -14.04
CA THR C 124 31.67 20.06 -14.11
C THR C 124 31.52 21.56 -13.91
N VAL C 125 32.29 22.12 -12.98
CA VAL C 125 32.28 23.55 -12.71
C VAL C 125 33.70 24.07 -12.91
N THR C 126 33.83 25.09 -13.76
CA THR C 126 35.14 25.68 -14.05
C THR C 126 35.11 27.17 -13.73
N VAL C 127 36.12 27.61 -12.98
CA VAL C 127 36.26 29.00 -12.57
C VAL C 127 37.39 29.62 -13.38
N SER C 128 37.09 30.71 -14.08
CA SER C 128 38.09 31.41 -14.89
C SER C 128 37.64 32.84 -15.09
N SER C 129 38.58 33.68 -15.51
CA SER C 129 38.32 35.10 -15.75
C SER C 129 37.98 35.41 -17.20
N ALA C 130 37.92 34.39 -18.06
CA ALA C 130 37.60 34.59 -19.46
C ALA C 130 36.93 33.36 -20.06
N GLU D 1 -36.44 12.39 -7.29
CA GLU D 1 -35.97 11.02 -7.10
C GLU D 1 -34.70 10.77 -7.90
N VAL D 2 -34.32 9.49 -7.98
CA VAL D 2 -33.14 9.12 -8.75
C VAL D 2 -33.45 9.28 -10.24
N GLN D 3 -32.57 9.97 -10.95
CA GLN D 3 -32.82 10.30 -12.36
C GLN D 3 -31.51 10.50 -13.09
N LEU D 4 -31.40 9.90 -14.26
CA LEU D 4 -30.27 10.09 -15.16
C LEU D 4 -30.81 10.53 -16.53
N VAL D 5 -30.28 11.64 -17.03
CA VAL D 5 -30.74 12.23 -18.29
C VAL D 5 -29.56 12.25 -19.26
N GLU D 6 -29.78 11.68 -20.45
CA GLU D 6 -28.76 11.64 -21.49
C GLU D 6 -29.08 12.66 -22.58
N SER D 7 -28.04 13.21 -23.19
CA SER D 7 -28.21 14.20 -24.24
C SER D 7 -26.96 14.21 -25.11
N GLY D 8 -27.09 14.83 -26.28
CA GLY D 8 -25.99 15.03 -27.20
C GLY D 8 -25.82 13.92 -28.22
N GLY D 9 -26.56 12.83 -28.10
CA GLY D 9 -26.42 11.74 -29.06
C GLY D 9 -27.15 12.04 -30.35
N ARG D 10 -26.50 11.74 -31.47
CA ARG D 10 -27.06 11.98 -32.78
C ARG D 10 -26.31 11.11 -33.80
N ALA D 11 -26.91 10.98 -34.98
CA ALA D 11 -26.24 10.29 -36.07
C ALA D 11 -25.08 11.13 -36.57
N LEU D 12 -24.00 10.48 -36.98
CA LEU D 12 -22.83 11.19 -37.48
C LEU D 12 -22.11 10.38 -38.56
N ARG D 13 -21.13 11.01 -39.21
CA ARG D 13 -20.40 10.44 -40.33
C ARG D 13 -19.05 9.93 -39.86
N PRO D 14 -18.46 8.97 -40.58
CA PRO D 14 -17.16 8.43 -40.17
C PRO D 14 -16.09 9.50 -40.14
N GLY D 15 -15.17 9.38 -39.19
CA GLY D 15 -14.12 10.36 -39.01
C GLY D 15 -14.51 11.59 -38.22
N GLY D 16 -15.72 11.60 -37.63
CA GLY D 16 -16.18 12.73 -36.85
C GLY D 16 -15.96 12.53 -35.37
N SER D 17 -16.44 13.51 -34.60
CA SER D 17 -16.33 13.50 -33.14
C SER D 17 -17.69 13.83 -32.54
N LEU D 18 -18.07 13.09 -31.50
CA LEU D 18 -19.34 13.30 -30.82
C LEU D 18 -19.13 13.29 -29.32
N ARG D 19 -19.99 14.04 -28.62
CA ARG D 19 -19.94 14.13 -27.16
C ARG D 19 -21.31 13.80 -26.61
N LEU D 20 -21.36 12.84 -25.67
CA LEU D 20 -22.58 12.43 -25.01
C LEU D 20 -22.51 12.85 -23.54
N SER D 21 -23.55 13.53 -23.07
CA SER D 21 -23.59 14.08 -21.73
C SER D 21 -24.66 13.39 -20.90
N CYS D 22 -24.35 13.17 -19.63
CA CYS D 22 -25.24 12.49 -18.68
C CYS D 22 -25.32 13.34 -17.41
N ALA D 23 -26.55 13.65 -17.00
CA ALA D 23 -26.80 14.43 -15.80
C ALA D 23 -27.53 13.57 -14.78
N ALA D 24 -27.03 13.55 -13.55
CA ALA D 24 -27.58 12.73 -12.48
C ALA D 24 -28.18 13.60 -11.39
N SER D 25 -29.30 13.14 -10.83
CA SER D 25 -29.95 13.88 -9.76
C SER D 25 -30.67 12.90 -8.85
N GLY D 26 -30.73 13.25 -7.57
CA GLY D 26 -31.45 12.46 -6.59
C GLY D 26 -30.61 11.56 -5.72
N PHE D 27 -29.28 11.61 -5.82
CA PHE D 27 -28.41 10.76 -5.02
C PHE D 27 -27.04 11.42 -4.92
N LYS D 28 -26.14 10.76 -4.20
CA LYS D 28 -24.78 11.27 -4.02
C LYS D 28 -23.97 11.00 -5.28
N PHE D 29 -23.62 12.06 -6.00
CA PHE D 29 -22.92 11.92 -7.27
C PHE D 29 -21.53 11.31 -7.09
N ASP D 30 -20.78 11.78 -6.10
CA ASP D 30 -19.37 11.46 -5.97
C ASP D 30 -19.11 10.19 -5.18
N ASP D 31 -20.15 9.45 -4.78
CA ASP D 31 -19.98 8.22 -4.03
C ASP D 31 -20.39 6.99 -4.83
N TYR D 32 -20.40 7.09 -6.17
CA TYR D 32 -20.81 5.99 -7.02
C TYR D 32 -20.00 6.02 -8.31
N ALA D 33 -19.81 4.84 -8.89
CA ALA D 33 -19.20 4.75 -10.21
C ALA D 33 -20.24 5.07 -11.28
N MET D 34 -19.76 5.37 -12.49
CA MET D 34 -20.68 5.64 -13.60
C MET D 34 -20.13 5.05 -14.88
N SER D 35 -21.01 4.50 -15.71
CA SER D 35 -20.60 3.83 -16.94
C SER D 35 -21.62 4.09 -18.04
N TRP D 36 -21.23 3.73 -19.26
CA TRP D 36 -22.10 3.74 -20.42
C TRP D 36 -22.26 2.32 -20.94
N VAL D 37 -23.48 1.98 -21.33
CA VAL D 37 -23.76 0.67 -21.94
C VAL D 37 -24.58 0.90 -23.19
N ARG D 38 -24.16 0.33 -24.31
CA ARG D 38 -24.84 0.54 -25.58
C ARG D 38 -25.57 -0.72 -26.02
N GLN D 39 -26.56 -0.52 -26.88
CA GLN D 39 -27.39 -1.61 -27.38
C GLN D 39 -27.84 -1.26 -28.79
N VAL D 40 -27.53 -2.11 -29.75
CA VAL D 40 -28.01 -1.89 -31.11
C VAL D 40 -29.53 -2.09 -31.14
N PRO D 41 -30.27 -1.42 -32.02
CA PRO D 41 -31.74 -1.52 -31.98
C PRO D 41 -32.28 -2.91 -32.28
N GLY D 42 -31.42 -3.90 -32.51
CA GLY D 42 -31.90 -5.24 -32.79
C GLY D 42 -31.47 -6.28 -31.77
N LYS D 43 -30.32 -6.08 -31.15
CA LYS D 43 -29.77 -7.07 -30.23
C LYS D 43 -29.65 -6.52 -28.81
N GLY D 44 -28.98 -7.26 -27.93
CA GLY D 44 -28.93 -6.92 -26.52
C GLY D 44 -27.92 -5.83 -26.21
N LEU D 45 -27.75 -5.62 -24.89
CA LEU D 45 -26.87 -4.58 -24.39
C LEU D 45 -25.40 -4.98 -24.54
N GLU D 46 -24.53 -3.98 -24.64
CA GLU D 46 -23.09 -4.20 -24.73
C GLU D 46 -22.37 -3.12 -23.94
N PHE D 47 -21.42 -3.53 -23.10
CA PHE D 47 -20.61 -2.59 -22.34
C PHE D 47 -19.60 -1.90 -23.24
N VAL D 48 -19.32 -0.62 -22.95
CA VAL D 48 -18.33 0.15 -23.69
C VAL D 48 -17.26 0.75 -22.76
N SER D 49 -17.68 1.45 -21.72
CA SER D 49 -16.71 2.17 -20.89
C SER D 49 -17.36 2.56 -19.56
N GLY D 50 -16.50 2.89 -18.60
CA GLY D 50 -16.95 3.29 -17.28
C GLY D 50 -15.80 3.78 -16.44
N LEU D 51 -16.14 4.33 -15.27
CA LEU D 51 -15.11 4.85 -14.38
C LEU D 51 -15.66 4.93 -12.96
N ASN D 52 -14.74 5.10 -12.01
CA ASN D 52 -15.06 5.20 -10.59
C ASN D 52 -15.31 6.65 -10.21
N TRP D 53 -15.34 6.93 -8.90
CA TRP D 53 -15.78 8.24 -8.43
C TRP D 53 -14.76 9.33 -8.75
N ASN D 54 -13.48 9.06 -8.58
CA ASN D 54 -12.44 10.06 -8.80
C ASN D 54 -11.78 9.95 -10.18
N GLY D 55 -12.13 8.95 -10.97
CA GLY D 55 -11.54 8.78 -12.28
C GLY D 55 -10.19 8.10 -12.30
N ASP D 56 -9.72 7.61 -11.15
CA ASP D 56 -8.42 6.94 -11.12
C ASP D 56 -8.45 5.65 -11.92
N ILE D 57 -9.55 4.89 -11.83
CA ILE D 57 -9.69 3.64 -12.55
C ILE D 57 -10.73 3.84 -13.65
N THR D 58 -10.31 3.62 -14.90
CA THR D 58 -11.17 3.77 -16.06
C THR D 58 -11.14 2.47 -16.86
N ALA D 59 -12.31 2.05 -17.35
CA ALA D 59 -12.44 0.81 -18.11
C ALA D 59 -12.98 1.12 -19.49
N TYR D 60 -12.30 0.61 -20.52
CA TYR D 60 -12.76 0.64 -21.89
C TYR D 60 -12.76 -0.79 -22.44
N THR D 61 -13.73 -1.09 -23.28
CA THR D 61 -13.77 -2.43 -23.86
C THR D 61 -12.76 -2.55 -24.99
N ASP D 62 -12.67 -3.77 -25.54
CA ASP D 62 -11.67 -4.04 -26.57
C ASP D 62 -11.91 -3.22 -27.83
N SER D 63 -13.17 -3.08 -28.24
CA SER D 63 -13.49 -2.46 -29.52
C SER D 63 -13.47 -0.94 -29.49
N VAL D 64 -13.36 -0.32 -28.31
CA VAL D 64 -13.38 1.14 -28.23
C VAL D 64 -12.15 1.63 -27.46
N LYS D 65 -11.15 0.77 -27.32
CA LYS D 65 -10.01 1.09 -26.47
C LYS D 65 -9.26 2.31 -26.98
N GLY D 66 -9.04 2.41 -28.29
CA GLY D 66 -8.24 3.48 -28.85
C GLY D 66 -8.99 4.67 -29.39
N ARG D 67 -10.31 4.73 -29.22
CA ARG D 67 -11.08 5.83 -29.82
C ARG D 67 -12.17 6.36 -28.91
N PHE D 68 -12.15 6.05 -27.61
CA PHE D 68 -13.17 6.50 -26.68
C PHE D 68 -12.52 7.27 -25.53
N THR D 69 -13.19 8.33 -25.09
CA THR D 69 -12.75 9.14 -23.97
C THR D 69 -13.87 9.21 -22.95
N VAL D 70 -13.55 8.98 -21.68
CA VAL D 70 -14.54 9.00 -20.61
C VAL D 70 -14.06 9.95 -19.51
N SER D 71 -14.93 10.87 -19.12
CA SER D 71 -14.59 11.83 -18.08
C SER D 71 -15.82 12.13 -17.25
N ARG D 72 -15.60 12.64 -16.04
CA ARG D 72 -16.68 13.09 -15.19
C ARG D 72 -16.31 14.42 -14.55
N ASP D 73 -17.31 15.28 -14.39
CA ASP D 73 -17.14 16.58 -13.75
C ASP D 73 -18.07 16.61 -12.55
N ASN D 74 -17.51 16.36 -11.36
CA ASN D 74 -18.31 16.35 -10.14
C ASN D 74 -18.78 17.75 -9.75
N ALA D 75 -18.05 18.79 -10.14
CA ALA D 75 -18.48 20.16 -9.83
C ALA D 75 -19.80 20.47 -10.54
N LYS D 76 -19.94 20.05 -11.80
CA LYS D 76 -21.18 20.21 -12.53
C LYS D 76 -22.08 18.99 -12.43
N ASN D 77 -21.62 17.92 -11.77
CA ASN D 77 -22.37 16.67 -11.63
C ASN D 77 -22.78 16.14 -13.00
N SER D 78 -21.77 15.81 -13.81
CA SER D 78 -22.02 15.36 -15.17
C SER D 78 -21.02 14.29 -15.57
N LEU D 79 -21.42 13.47 -16.54
CA LEU D 79 -20.60 12.43 -17.13
C LEU D 79 -20.51 12.67 -18.63
N TYR D 80 -19.31 12.58 -19.20
CA TYR D 80 -19.09 12.87 -20.61
C TYR D 80 -18.37 11.71 -21.28
N LEU D 81 -18.91 11.29 -22.43
CA LEU D 81 -18.30 10.27 -23.27
C LEU D 81 -18.03 10.87 -24.64
N HIS D 82 -16.77 10.88 -25.05
CA HIS D 82 -16.34 11.41 -26.34
C HIS D 82 -16.02 10.25 -27.26
N ILE D 83 -16.68 10.22 -28.41
CA ILE D 83 -16.50 9.19 -29.42
C ILE D 83 -15.81 9.82 -30.62
N ASN D 84 -14.63 9.31 -30.96
CA ASN D 84 -13.85 9.76 -32.11
C ASN D 84 -13.58 8.56 -33.02
N SER D 85 -13.31 8.85 -34.28
CA SER D 85 -13.09 7.83 -35.30
C SER D 85 -14.21 6.79 -35.32
N PRO D 86 -15.45 7.20 -35.63
CA PRO D 86 -16.55 6.24 -35.60
C PRO D 86 -16.48 5.28 -36.77
N LYS D 87 -17.19 4.16 -36.61
CA LYS D 87 -17.30 3.12 -37.62
C LYS D 87 -18.76 2.73 -37.79
N PRO D 88 -19.14 2.17 -38.95
CA PRO D 88 -20.53 1.76 -39.15
C PRO D 88 -21.02 0.69 -38.17
N GLU D 89 -20.15 0.16 -37.32
CA GLU D 89 -20.54 -0.78 -36.27
C GLU D 89 -20.93 -0.08 -34.97
N ASP D 90 -20.97 1.25 -34.96
CA ASP D 90 -21.26 1.99 -33.74
C ASP D 90 -22.60 2.70 -33.83
N THR D 91 -23.60 2.04 -34.44
CA THR D 91 -24.96 2.56 -34.51
C THR D 91 -25.79 1.86 -33.44
N ALA D 92 -26.08 2.58 -32.35
CA ALA D 92 -26.77 1.97 -31.23
C ALA D 92 -27.36 3.05 -30.33
N LEU D 93 -28.09 2.60 -29.32
CA LEU D 93 -28.64 3.46 -28.28
C LEU D 93 -27.79 3.33 -27.02
N TYR D 94 -27.37 4.47 -26.48
CA TYR D 94 -26.47 4.52 -25.33
C TYR D 94 -27.28 4.83 -24.07
N TYR D 95 -26.96 4.12 -23.00
CA TYR D 95 -27.57 4.30 -21.70
C TYR D 95 -26.50 4.68 -20.69
N CYS D 96 -26.78 5.73 -19.91
CA CYS D 96 -25.93 6.14 -18.79
C CYS D 96 -26.39 5.39 -17.54
N ALA D 97 -25.49 4.63 -16.94
CA ALA D 97 -25.84 3.76 -15.82
C ALA D 97 -24.97 4.07 -14.61
N ARG D 98 -25.63 4.26 -13.46
CA ARG D 98 -24.95 4.34 -12.19
C ARG D 98 -24.47 2.94 -11.80
N THR D 99 -23.19 2.84 -11.45
CA THR D 99 -22.52 1.56 -11.27
C THR D 99 -22.01 1.45 -9.84
N SER D 100 -22.33 0.34 -9.18
CA SER D 100 -21.83 0.00 -7.87
C SER D 100 -20.99 -1.27 -7.97
N SER D 101 -20.48 -1.72 -6.82
CA SER D 101 -19.58 -2.85 -6.78
C SER D 101 -20.06 -3.88 -5.76
N TRP D 102 -19.69 -5.14 -5.99
CA TRP D 102 -19.98 -6.22 -5.08
C TRP D 102 -18.77 -7.15 -5.03
N GLY D 103 -18.43 -7.60 -3.82
CA GLY D 103 -17.33 -8.53 -3.65
C GLY D 103 -15.99 -7.99 -4.06
N ASP D 104 -15.68 -6.77 -3.67
CA ASP D 104 -14.43 -6.10 -4.03
C ASP D 104 -13.40 -6.16 -2.91
N TYR D 105 -13.40 -7.25 -2.12
CA TYR D 105 -12.44 -7.40 -1.03
C TYR D 105 -11.20 -8.10 -1.57
N THR D 106 -10.13 -7.34 -1.78
CA THR D 106 -8.87 -7.87 -2.27
C THR D 106 -7.77 -7.62 -1.25
N ARG D 107 -7.06 -8.69 -0.88
CA ARG D 107 -5.94 -8.58 0.04
C ARG D 107 -4.69 -8.05 -0.63
N GLY D 108 -4.48 -8.35 -1.91
CA GLY D 108 -3.31 -7.88 -2.61
C GLY D 108 -3.43 -6.43 -3.00
N PRO D 109 -2.34 -5.91 -3.58
CA PRO D 109 -2.32 -4.48 -3.94
C PRO D 109 -3.25 -4.12 -5.08
N GLU D 110 -3.54 -5.06 -5.97
CA GLU D 110 -4.35 -4.76 -7.14
C GLU D 110 -5.82 -4.67 -6.76
N PRO D 111 -6.48 -3.53 -7.01
CA PRO D 111 -7.93 -3.45 -6.75
C PRO D 111 -8.71 -4.37 -7.67
N LYS D 112 -9.82 -4.88 -7.16
CA LYS D 112 -10.74 -5.71 -7.93
C LYS D 112 -11.90 -4.86 -8.40
N ILE D 113 -12.08 -4.77 -9.71
CA ILE D 113 -13.15 -3.99 -10.31
C ILE D 113 -14.24 -4.98 -10.71
N THR D 114 -15.17 -5.21 -9.78
CA THR D 114 -16.38 -6.00 -10.04
C THR D 114 -17.56 -5.05 -10.03
N TRP D 115 -18.24 -4.92 -11.17
CA TRP D 115 -19.23 -3.87 -11.35
C TRP D 115 -20.58 -4.46 -11.76
N TYR D 116 -21.64 -3.84 -11.26
CA TYR D 116 -23.00 -4.13 -11.69
C TYR D 116 -23.78 -2.82 -11.68
N PHE D 117 -24.76 -2.74 -12.58
CA PHE D 117 -25.48 -1.51 -12.85
C PHE D 117 -26.85 -1.55 -12.18
N ASP D 118 -27.25 -0.43 -11.58
CA ASP D 118 -28.52 -0.33 -10.88
C ASP D 118 -29.46 0.70 -11.50
N LEU D 119 -28.99 1.91 -11.75
CA LEU D 119 -29.81 2.99 -12.29
C LEU D 119 -29.44 3.23 -13.74
N TRP D 120 -30.46 3.43 -14.58
CA TRP D 120 -30.28 3.62 -16.01
C TRP D 120 -30.98 4.90 -16.45
N GLY D 121 -30.90 5.17 -17.76
CA GLY D 121 -31.48 6.37 -18.32
C GLY D 121 -32.20 6.07 -19.64
N ARG D 122 -32.69 7.15 -20.25
CA ARG D 122 -33.44 7.01 -21.50
C ARG D 122 -32.55 6.65 -22.68
N GLY D 123 -31.32 7.13 -22.71
CA GLY D 123 -30.39 6.80 -23.77
C GLY D 123 -30.50 7.72 -24.97
N THR D 124 -29.45 7.72 -25.78
CA THR D 124 -29.38 8.55 -26.97
C THR D 124 -28.90 7.72 -28.15
N LEU D 125 -29.36 8.10 -29.34
CA LEU D 125 -29.11 7.32 -30.55
C LEU D 125 -27.86 7.84 -31.27
N VAL D 126 -27.03 6.91 -31.74
CA VAL D 126 -25.81 7.24 -32.46
C VAL D 126 -25.73 6.33 -33.69
N THR D 127 -25.95 6.91 -34.87
CA THR D 127 -25.92 6.15 -36.12
C THR D 127 -24.76 6.63 -36.98
N VAL D 128 -23.95 5.68 -37.46
CA VAL D 128 -22.81 5.98 -38.31
C VAL D 128 -23.06 5.37 -39.68
N SER D 129 -23.23 6.22 -40.69
CA SER D 129 -23.45 5.78 -42.05
C SER D 129 -22.71 6.72 -43.00
N SER D 130 -22.31 6.20 -44.16
CA SER D 130 -21.58 7.00 -45.15
C SER D 130 -22.54 7.74 -46.07
N ALA D 131 -23.30 8.66 -45.47
CA ALA D 131 -24.27 9.45 -46.22
C ALA D 131 -24.57 10.76 -45.48
N ASP E 2 -12.52 -14.08 -21.24
CA ASP E 2 -12.77 -15.19 -22.14
C ASP E 2 -13.77 -16.18 -21.55
N ILE E 3 -14.80 -15.64 -20.90
CA ILE E 3 -15.85 -16.44 -20.28
C ILE E 3 -17.11 -16.32 -21.12
N GLN E 4 -17.62 -17.46 -21.58
CA GLN E 4 -18.82 -17.46 -22.40
C GLN E 4 -20.06 -17.21 -21.53
N LEU E 5 -21.15 -16.82 -22.19
CA LEU E 5 -22.41 -16.55 -21.50
C LEU E 5 -23.54 -16.78 -22.49
N THR E 6 -24.23 -17.91 -22.36
CA THR E 6 -25.36 -18.24 -23.20
C THR E 6 -26.56 -18.53 -22.30
N GLN E 7 -27.71 -17.94 -22.61
CA GLN E 7 -28.89 -18.09 -21.78
C GLN E 7 -30.04 -18.66 -22.59
N SER E 8 -30.83 -19.52 -21.95
CA SER E 8 -31.88 -20.28 -22.58
C SER E 8 -33.12 -20.25 -21.69
N PRO E 9 -34.33 -20.42 -22.27
CA PRO E 9 -34.58 -20.55 -23.71
C PRO E 9 -34.53 -19.20 -24.42
N SER E 10 -34.22 -19.20 -25.72
CA SER E 10 -34.19 -17.95 -26.47
C SER E 10 -35.55 -17.29 -26.52
N PHE E 11 -36.61 -18.07 -26.74
CA PHE E 11 -37.97 -17.58 -26.75
C PHE E 11 -38.86 -18.59 -26.02
N LEU E 12 -39.82 -18.07 -25.25
CA LEU E 12 -40.73 -18.91 -24.48
C LEU E 12 -42.07 -18.21 -24.33
N SER E 13 -43.15 -18.94 -24.60
CA SER E 13 -44.50 -18.41 -24.49
C SER E 13 -45.18 -19.08 -23.30
N ALA E 14 -45.62 -18.27 -22.33
CA ALA E 14 -46.28 -18.78 -21.14
C ALA E 14 -47.43 -17.86 -20.76
N SER E 15 -48.47 -18.46 -20.17
CA SER E 15 -49.64 -17.71 -19.76
C SER E 15 -49.36 -16.95 -18.47
N VAL E 16 -50.35 -16.21 -17.99
CA VAL E 16 -50.20 -15.40 -16.79
C VAL E 16 -50.19 -16.30 -15.57
N GLY E 17 -49.34 -15.96 -14.59
CA GLY E 17 -49.30 -16.68 -13.33
C GLY E 17 -48.84 -18.13 -13.43
N ASP E 18 -47.75 -18.39 -14.16
CA ASP E 18 -47.23 -19.73 -14.32
C ASP E 18 -45.77 -19.79 -13.91
N ARG E 19 -45.31 -21.00 -13.61
CA ARG E 19 -43.91 -21.25 -13.30
C ARG E 19 -43.07 -20.97 -14.54
N ILE E 20 -42.20 -19.95 -14.48
CA ILE E 20 -41.29 -19.64 -15.57
C ILE E 20 -39.89 -19.45 -15.00
N THR E 21 -38.92 -20.15 -15.61
CA THR E 21 -37.53 -20.12 -15.20
C THR E 21 -36.63 -19.99 -16.42
N ILE E 22 -35.47 -19.36 -16.21
CA ILE E 22 -34.50 -19.09 -17.27
C ILE E 22 -33.12 -19.44 -16.76
N THR E 23 -32.30 -20.04 -17.62
CA THR E 23 -30.99 -20.56 -17.23
C THR E 23 -29.90 -19.85 -18.03
N CYS E 24 -28.95 -19.24 -17.32
CA CYS E 24 -27.77 -18.63 -17.92
C CYS E 24 -26.56 -19.49 -17.59
N ARG E 25 -25.76 -19.78 -18.61
CA ARG E 25 -24.64 -20.71 -18.49
C ARG E 25 -23.34 -20.04 -18.95
N ALA E 26 -22.25 -20.39 -18.28
CA ALA E 26 -20.93 -19.87 -18.57
C ALA E 26 -19.96 -21.02 -18.81
N SER E 27 -18.89 -20.73 -19.55
CA SER E 27 -17.92 -21.77 -19.87
C SER E 27 -17.22 -22.29 -18.61
N GLN E 28 -16.85 -21.41 -17.70
CA GLN E 28 -16.18 -21.79 -16.46
C GLN E 28 -16.85 -21.10 -15.28
N GLY E 29 -16.57 -21.62 -14.09
CA GLY E 29 -17.14 -21.09 -12.86
C GLY E 29 -16.83 -19.62 -12.63
N ILE E 30 -17.86 -18.83 -12.35
CA ILE E 30 -17.72 -17.41 -12.12
C ILE E 30 -18.11 -17.02 -10.70
N ASP E 31 -18.17 -17.99 -9.80
CA ASP E 31 -18.57 -17.78 -8.39
C ASP E 31 -19.99 -17.19 -8.40
N GLY E 32 -20.28 -16.20 -7.56
CA GLY E 32 -21.61 -15.60 -7.55
C GLY E 32 -21.65 -14.30 -8.31
N TYR E 33 -20.65 -14.06 -9.16
CA TYR E 33 -20.53 -12.79 -9.89
C TYR E 33 -21.41 -12.82 -11.14
N LEU E 34 -22.71 -12.62 -10.90
CA LEU E 34 -23.67 -12.56 -12.00
C LEU E 34 -24.88 -11.76 -11.54
N ALA E 35 -25.45 -10.99 -12.47
CA ALA E 35 -26.62 -10.17 -12.20
C ALA E 35 -27.64 -10.37 -13.31
N TRP E 36 -28.90 -10.07 -13.00
CA TRP E 36 -30.00 -10.24 -13.95
C TRP E 36 -30.69 -8.90 -14.19
N TYR E 37 -30.96 -8.60 -15.46
CA TYR E 37 -31.55 -7.33 -15.87
C TYR E 37 -32.81 -7.59 -16.68
N GLN E 38 -33.86 -6.82 -16.40
CA GLN E 38 -35.12 -6.87 -17.11
C GLN E 38 -35.32 -5.58 -17.90
N GLN E 39 -35.66 -5.72 -19.18
CA GLN E 39 -35.91 -4.58 -20.06
C GLN E 39 -37.25 -4.78 -20.74
N ARG E 40 -38.19 -3.88 -20.46
CA ARG E 40 -39.49 -3.95 -21.11
C ARG E 40 -39.39 -3.43 -22.55
N PRO E 41 -40.30 -3.86 -23.43
CA PRO E 41 -40.33 -3.31 -24.79
C PRO E 41 -40.32 -1.78 -24.77
N GLY E 42 -39.27 -1.21 -25.35
CA GLY E 42 -39.12 0.22 -25.39
C GLY E 42 -38.93 0.89 -24.05
N LYS E 43 -38.21 0.24 -23.13
CA LYS E 43 -37.95 0.79 -21.81
C LYS E 43 -36.50 0.55 -21.42
N ALA E 44 -36.01 1.37 -20.51
CA ALA E 44 -34.65 1.19 -20.01
C ALA E 44 -34.59 -0.05 -19.11
N PRO E 45 -33.55 -0.86 -19.24
CA PRO E 45 -33.46 -2.06 -18.40
C PRO E 45 -33.27 -1.71 -16.93
N ASN E 46 -33.83 -2.56 -16.07
CA ASN E 46 -33.76 -2.39 -14.63
C ASN E 46 -33.19 -3.65 -13.99
N LEU E 47 -32.32 -3.47 -12.99
CA LEU E 47 -31.69 -4.60 -12.34
C LEU E 47 -32.69 -5.33 -11.46
N LEU E 48 -32.74 -6.66 -11.63
CA LEU E 48 -33.63 -7.49 -10.80
C LEU E 48 -32.90 -8.05 -9.59
N ILE E 49 -31.86 -8.86 -9.83
CA ILE E 49 -31.07 -9.45 -8.77
C ILE E 49 -29.59 -9.25 -9.07
N TYR E 50 -28.80 -9.14 -8.00
CA TYR E 50 -27.36 -9.12 -8.08
C TYR E 50 -26.79 -10.15 -7.11
N ALA E 51 -25.56 -10.57 -7.37
CA ALA E 51 -24.89 -11.65 -6.63
C ALA E 51 -25.64 -12.97 -6.72
N ALA E 52 -26.55 -13.08 -7.70
CA ALA E 52 -27.24 -14.31 -8.06
C ALA E 52 -28.28 -14.72 -7.04
N SER E 53 -28.34 -14.04 -5.90
CA SER E 53 -29.35 -14.33 -4.89
C SER E 53 -29.96 -13.10 -4.23
N LEU E 54 -29.35 -11.92 -4.35
CA LEU E 54 -29.82 -10.75 -3.61
C LEU E 54 -30.76 -9.92 -4.47
N LEU E 55 -31.96 -9.68 -3.95
CA LEU E 55 -32.94 -8.85 -4.64
C LEU E 55 -32.65 -7.38 -4.42
N GLN E 56 -33.07 -6.55 -5.37
CA GLN E 56 -32.93 -5.12 -5.23
C GLN E 56 -33.97 -4.58 -4.25
N SER E 57 -33.73 -3.36 -3.78
CA SER E 57 -34.59 -2.77 -2.75
C SER E 57 -36.01 -2.57 -3.27
N GLY E 58 -36.15 -2.08 -4.50
CA GLY E 58 -37.46 -1.70 -5.00
C GLY E 58 -38.17 -2.76 -5.82
N VAL E 59 -37.48 -3.81 -6.23
CA VAL E 59 -38.06 -4.84 -7.07
C VAL E 59 -39.06 -5.67 -6.26
N PRO E 60 -40.13 -6.18 -6.89
CA PRO E 60 -41.09 -7.03 -6.16
C PRO E 60 -40.44 -8.30 -5.63
N SER E 61 -41.13 -8.97 -4.71
CA SER E 61 -40.58 -10.14 -4.03
C SER E 61 -40.91 -11.45 -4.75
N ARG E 62 -41.48 -11.37 -5.95
CA ARG E 62 -41.84 -12.55 -6.73
C ARG E 62 -40.76 -12.98 -7.71
N PHE E 63 -39.61 -12.30 -7.71
CA PHE E 63 -38.47 -12.68 -8.53
C PHE E 63 -37.43 -13.36 -7.65
N SER E 64 -36.99 -14.56 -8.05
CA SER E 64 -36.04 -15.33 -7.26
C SER E 64 -34.87 -15.72 -8.14
N GLY E 65 -33.68 -15.77 -7.54
CA GLY E 65 -32.48 -16.19 -8.24
C GLY E 65 -31.75 -17.26 -7.46
N SER E 66 -31.02 -18.12 -8.16
CA SER E 66 -30.27 -19.19 -7.52
C SER E 66 -29.14 -19.63 -8.45
N GLY E 67 -28.18 -20.34 -7.88
CA GLY E 67 -27.07 -20.86 -8.65
C GLY E 67 -25.72 -20.43 -8.14
N TYR E 68 -24.73 -21.30 -8.27
CA TYR E 68 -23.37 -21.01 -7.83
C TYR E 68 -22.41 -21.83 -8.67
N GLY E 69 -21.74 -21.20 -9.63
CA GLY E 69 -20.84 -21.90 -10.52
C GLY E 69 -21.01 -21.54 -11.97
N THR E 70 -21.34 -22.53 -12.80
CA THR E 70 -21.50 -22.30 -14.24
C THR E 70 -22.96 -22.14 -14.66
N GLU E 71 -23.91 -22.58 -13.84
CA GLU E 71 -25.33 -22.52 -14.17
C GLU E 71 -26.06 -21.64 -13.17
N PHE E 72 -26.84 -20.69 -13.68
CA PHE E 72 -27.63 -19.80 -12.85
C PHE E 72 -29.07 -19.82 -13.31
N THR E 73 -30.00 -19.84 -12.36
CA THR E 73 -31.42 -19.92 -12.66
C THR E 73 -32.15 -18.73 -12.07
N LEU E 74 -33.08 -18.19 -12.85
CA LEU E 74 -33.98 -17.14 -12.39
C LEU E 74 -35.42 -17.59 -12.58
N THR E 75 -36.23 -17.42 -11.54
CA THR E 75 -37.61 -17.89 -11.53
C THR E 75 -38.54 -16.75 -11.18
N ILE E 76 -39.61 -16.59 -11.97
CA ILE E 76 -40.66 -15.63 -11.64
C ILE E 76 -41.77 -16.39 -10.93
N SER E 77 -42.12 -15.94 -9.72
CA SER E 77 -43.10 -16.66 -8.91
C SER E 77 -44.46 -16.70 -9.57
N SER E 78 -44.93 -15.57 -10.10
CA SER E 78 -46.22 -15.52 -10.79
C SER E 78 -46.10 -14.45 -11.87
N LEU E 79 -46.34 -14.84 -13.12
CA LEU E 79 -46.23 -13.91 -14.23
C LEU E 79 -47.33 -12.85 -14.12
N GLN E 80 -46.99 -11.63 -14.55
CA GLN E 80 -47.85 -10.47 -14.46
C GLN E 80 -47.85 -9.76 -15.81
N PRO E 81 -48.86 -8.91 -16.05
CA PRO E 81 -48.86 -8.13 -17.30
C PRO E 81 -47.61 -7.27 -17.46
N GLU E 82 -47.03 -6.85 -16.33
CA GLU E 82 -45.81 -6.07 -16.37
C GLU E 82 -44.57 -6.96 -16.57
N ASP E 83 -44.75 -8.28 -16.55
CA ASP E 83 -43.63 -9.22 -16.58
C ASP E 83 -43.25 -9.64 -18.00
N PHE E 84 -43.90 -9.08 -19.01
CA PHE E 84 -43.59 -9.41 -20.41
C PHE E 84 -42.48 -8.49 -20.87
N ALA E 85 -41.26 -9.01 -20.94
CA ALA E 85 -40.07 -8.20 -21.23
C ALA E 85 -38.95 -9.14 -21.66
N THR E 86 -37.75 -8.59 -21.79
CA THR E 86 -36.56 -9.38 -22.10
C THR E 86 -35.62 -9.38 -20.90
N TYR E 87 -34.78 -10.41 -20.83
CA TYR E 87 -33.94 -10.66 -19.68
C TYR E 87 -32.50 -10.90 -20.13
N TYR E 88 -31.56 -10.35 -19.38
CA TYR E 88 -30.13 -10.53 -19.66
C TYR E 88 -29.39 -10.93 -18.39
N CYS E 89 -28.36 -11.75 -18.54
CA CYS E 89 -27.46 -12.13 -17.46
C CYS E 89 -26.09 -11.51 -17.71
N GLN E 90 -25.59 -10.78 -16.72
CA GLN E 90 -24.34 -10.04 -16.83
C GLN E 90 -23.30 -10.62 -15.88
N HIS E 91 -22.08 -10.79 -16.40
CA HIS E 91 -20.94 -11.18 -15.58
C HIS E 91 -20.29 -9.94 -14.97
N LEU E 92 -19.73 -10.10 -13.77
CA LEU E 92 -19.18 -8.98 -13.01
C LEU E 92 -17.66 -8.92 -13.02
N ASP E 93 -16.99 -10.05 -12.82
CA ASP E 93 -15.53 -10.08 -12.74
C ASP E 93 -14.94 -10.38 -14.12
N SER E 94 -15.20 -9.47 -15.04
CA SER E 94 -14.71 -9.59 -16.42
C SER E 94 -14.14 -8.25 -16.89
N TYR E 95 -13.29 -7.66 -16.07
CA TYR E 95 -12.68 -6.39 -16.41
C TYR E 95 -11.82 -6.53 -17.67
N PRO E 96 -12.03 -5.70 -18.70
CA PRO E 96 -13.10 -4.71 -18.80
C PRO E 96 -14.22 -5.12 -19.74
N LEU E 97 -14.32 -6.41 -20.05
CA LEU E 97 -15.35 -6.92 -20.96
C LEU E 97 -16.55 -7.43 -20.16
N PHE E 98 -17.36 -6.48 -19.69
CA PHE E 98 -18.53 -6.84 -18.89
C PHE E 98 -19.57 -7.49 -19.78
N THR E 99 -19.54 -8.83 -19.83
CA THR E 99 -20.37 -9.57 -20.77
C THR E 99 -21.83 -9.54 -20.36
N PHE E 100 -22.70 -9.35 -21.35
CA PHE E 100 -24.14 -9.46 -21.18
C PHE E 100 -24.65 -10.70 -21.89
N GLY E 101 -25.83 -11.16 -21.48
CA GLY E 101 -26.45 -12.30 -22.09
C GLY E 101 -27.02 -11.97 -23.45
N PRO E 102 -27.14 -12.98 -24.33
CA PRO E 102 -27.74 -12.74 -25.65
C PRO E 102 -29.16 -12.21 -25.58
N GLY E 103 -29.96 -12.69 -24.62
CA GLY E 103 -31.31 -12.19 -24.47
C GLY E 103 -32.39 -13.24 -24.58
N THR E 104 -33.30 -13.26 -23.61
CA THR E 104 -34.47 -14.14 -23.62
C THR E 104 -35.73 -13.29 -23.65
N LYS E 105 -36.63 -13.63 -24.57
CA LYS E 105 -37.89 -12.91 -24.71
C LYS E 105 -39.05 -13.85 -24.40
N VAL E 106 -40.00 -13.36 -23.59
CA VAL E 106 -41.17 -14.12 -23.19
C VAL E 106 -42.41 -13.36 -23.62
N ASP E 107 -43.36 -14.08 -24.21
CA ASP E 107 -44.58 -13.49 -24.75
C ASP E 107 -45.79 -14.30 -24.30
N ILE E 108 -46.98 -13.77 -24.64
CA ILE E 108 -48.21 -14.43 -24.25
C ILE E 108 -48.43 -15.68 -25.08
N LYS E 109 -48.82 -16.76 -24.41
CA LYS E 109 -49.01 -18.04 -25.09
C LYS E 109 -50.18 -17.98 -26.05
N ARG E 110 -50.06 -18.69 -27.16
CA ARG E 110 -51.11 -18.73 -28.18
C ARG E 110 -51.82 -20.08 -28.19
#